data_9ILW
#
_entry.id   9ILW
#
_cell.length_a   85.560
_cell.length_b   109.914
_cell.length_c   118.666
_cell.angle_alpha   90.00
_cell.angle_beta   90.00
_cell.angle_gamma   90.00
#
_symmetry.space_group_name_H-M   'P 21 21 21'
#
loop_
_entity.id
_entity.type
_entity.pdbx_description
1 polymer 'Acid-sensing system histidine kinase EvgS'
2 water water
#
_entity_poly.entity_id   1
_entity_poly.type   'polypeptide(L)'
_entity_poly.pdbx_seq_one_letter_code
;YIEYRGISSNNRVTLDPLRLSNKELRWLASKKNLVIAVHKSQTATLLHTDSQQRVRGINADYLNLLKRALNIKLTLREYA
DHQKAMDALAEGEVDIVLSHLVTSPPLNNDIAATKPLIITFPALVTTLHDSMRPLTSPKPVNIARVANYPPDEVIHQSFP
KATIISFTNLYQALASVSAGHNDYFIGSNIITSSMISRYFTHSLNVVKYYNSPRQYNFFLTRKESVILNEVLNRFVDALT
NEVRYEVSQNWLDTGNLAFLNKPLELTEHEKQWIKQHPNLKVLENPYSPPYSMTDENGSVRGVMGDILNIITLQTGLNFS
PITVSHNIHAGTQLSPGGWDIIPGAIYSEDRENNVLFAEAFITTPYVFVMQKAPDSEQTLKKGMKVAIPYYYELHSQLKE
MYPEVEWIQVDNASAAFHKVKEGELDALVATQLNSRYMIDHYYPNELYHFLIPGVPNASLSFAFPRGEPELKDIINKALN
AIPPSEVLRLTEKWIKMPNVTIDTWDLYSEQFY
;
_entity_poly.pdbx_strand_id   A,B
#
# COMPACT_ATOMS: atom_id res chain seq x y z
N ILE A 2 -24.14 -20.17 -29.79
CA ILE A 2 -24.27 -19.07 -30.73
C ILE A 2 -22.88 -18.51 -31.03
N GLU A 3 -21.97 -18.71 -30.07
CA GLU A 3 -20.56 -18.39 -30.12
C GLU A 3 -19.90 -19.07 -28.93
N TYR A 4 -18.63 -19.42 -29.06
CA TYR A 4 -17.89 -20.08 -27.99
C TYR A 4 -16.46 -19.55 -27.97
N ARG A 5 -15.87 -19.51 -26.78
CA ARG A 5 -14.62 -18.77 -26.58
C ARG A 5 -13.80 -19.43 -25.47
N GLY A 6 -12.74 -18.71 -25.08
CA GLY A 6 -12.07 -18.90 -23.81
C GLY A 6 -11.71 -17.54 -23.25
N ILE A 7 -11.07 -17.55 -22.09
CA ILE A 7 -10.68 -16.31 -21.41
C ILE A 7 -9.16 -16.22 -21.40
N SER A 8 -8.65 -15.04 -21.77
CA SER A 8 -7.22 -14.77 -21.82
C SER A 8 -6.92 -13.62 -20.88
N SER A 9 -6.18 -13.90 -19.81
CA SER A 9 -5.92 -12.91 -18.78
C SER A 9 -4.79 -13.39 -17.88
N ASN A 10 -4.00 -12.45 -17.38
CA ASN A 10 -3.09 -12.74 -16.29
C ASN A 10 -3.86 -12.69 -14.97
N ASN A 11 -3.50 -13.57 -14.05
CA ASN A 11 -4.11 -13.61 -12.72
C ASN A 11 -3.28 -12.82 -11.71
N ARG A 12 -2.78 -11.65 -12.11
CA ARG A 12 -2.02 -10.81 -11.19
C ARG A 12 -2.91 -10.28 -10.08
N VAL A 13 -4.18 -10.02 -10.36
CA VAL A 13 -5.13 -9.54 -9.37
C VAL A 13 -5.81 -10.74 -8.72
N THR A 14 -5.81 -10.77 -7.39
CA THR A 14 -6.45 -11.85 -6.64
C THR A 14 -7.36 -11.27 -5.57
N LEU A 15 -8.42 -12.00 -5.26
CA LEU A 15 -9.46 -11.59 -4.34
C LEU A 15 -9.42 -12.45 -3.08
N ASP A 16 -9.80 -11.83 -1.95
CA ASP A 16 -10.02 -12.60 -0.74
C ASP A 16 -11.16 -13.59 -0.97
N PRO A 17 -11.21 -14.67 -0.19
CA PRO A 17 -12.32 -15.62 -0.32
C PRO A 17 -13.65 -14.96 0.03
N LEU A 18 -14.66 -15.24 -0.78
CA LEU A 18 -16.00 -14.75 -0.51
C LEU A 18 -16.62 -15.52 0.66
N ARG A 19 -17.48 -14.85 1.41
CA ARG A 19 -18.26 -15.50 2.47
C ARG A 19 -19.58 -15.94 1.86
N LEU A 20 -19.65 -17.22 1.50
CA LEU A 20 -20.83 -17.79 0.86
C LEU A 20 -21.47 -18.81 1.80
N SER A 21 -22.80 -18.81 1.84
CA SER A 21 -23.52 -19.78 2.65
C SER A 21 -23.28 -21.19 2.12
N ASN A 22 -23.65 -22.18 2.93
CA ASN A 22 -23.54 -23.56 2.48
C ASN A 22 -24.60 -23.88 1.42
N LYS A 23 -25.77 -23.25 1.51
CA LYS A 23 -26.75 -23.36 0.43
C LYS A 23 -26.22 -22.75 -0.86
N GLU A 24 -25.44 -21.68 -0.75
CA GLU A 24 -24.83 -21.10 -1.94
C GLU A 24 -23.67 -21.96 -2.44
N LEU A 25 -22.90 -22.54 -1.51
CA LEU A 25 -21.79 -23.39 -1.93
C LEU A 25 -22.27 -24.66 -2.61
N ARG A 26 -23.39 -25.22 -2.14
CA ARG A 26 -23.94 -26.40 -2.79
C ARG A 26 -24.59 -26.07 -4.13
N TRP A 27 -25.18 -24.87 -4.25
CA TRP A 27 -25.74 -24.46 -5.54
C TRP A 27 -24.65 -24.34 -6.59
N LEU A 28 -23.49 -23.80 -6.22
CA LEU A 28 -22.42 -23.61 -7.20
C LEU A 28 -21.84 -24.94 -7.65
N ALA A 29 -21.78 -25.93 -6.76
CA ALA A 29 -21.13 -27.19 -7.09
C ALA A 29 -21.93 -27.98 -8.11
N SER A 30 -23.26 -28.00 -7.99
CA SER A 30 -24.06 -28.72 -8.98
C SER A 30 -24.39 -27.85 -10.20
N LYS A 31 -24.34 -26.53 -10.06
CA LYS A 31 -24.43 -25.68 -11.25
C LYS A 31 -23.27 -25.94 -12.18
N LYS A 32 -22.07 -26.16 -11.62
CA LYS A 32 -20.90 -26.63 -12.35
C LYS A 32 -20.40 -25.63 -13.38
N ASN A 33 -21.31 -25.11 -14.22
CA ASN A 33 -20.92 -24.24 -15.32
C ASN A 33 -21.95 -23.12 -15.47
N LEU A 34 -21.47 -21.95 -15.90
CA LEU A 34 -22.31 -20.79 -16.15
C LEU A 34 -22.12 -20.33 -17.58
N VAL A 35 -23.22 -20.07 -18.27
CA VAL A 35 -23.20 -19.54 -19.63
C VAL A 35 -23.52 -18.05 -19.54
N ILE A 36 -22.56 -17.22 -19.94
CA ILE A 36 -22.71 -15.77 -19.92
C ILE A 36 -22.67 -15.26 -21.35
N ALA A 37 -23.64 -14.41 -21.70
CA ALA A 37 -23.68 -13.78 -23.01
C ALA A 37 -22.90 -12.48 -22.95
N VAL A 38 -21.83 -12.39 -23.75
CA VAL A 38 -21.00 -11.19 -23.81
C VAL A 38 -21.11 -10.59 -25.20
N HIS A 39 -20.26 -9.62 -25.49
CA HIS A 39 -20.18 -9.03 -26.83
C HIS A 39 -18.92 -8.19 -26.92
N LYS A 40 -18.36 -8.14 -28.12
CA LYS A 40 -17.20 -7.29 -28.37
C LYS A 40 -17.62 -5.82 -28.28
N SER A 41 -16.86 -5.04 -27.52
CA SER A 41 -17.13 -3.61 -27.45
C SER A 41 -16.69 -2.93 -28.74
N GLN A 42 -17.18 -1.71 -28.94
CA GLN A 42 -16.80 -0.95 -30.13
C GLN A 42 -15.33 -0.58 -30.10
N THR A 43 -14.81 -0.29 -28.91
CA THR A 43 -13.37 -0.15 -28.69
C THR A 43 -12.84 -1.40 -28.00
N ALA A 44 -11.52 -1.57 -28.04
CA ALA A 44 -10.90 -2.80 -27.57
C ALA A 44 -10.79 -2.89 -26.05
N THR A 45 -11.10 -1.82 -25.33
CA THR A 45 -10.76 -1.76 -23.91
C THR A 45 -11.59 -2.73 -23.08
N LEU A 46 -12.90 -2.77 -23.33
CA LEU A 46 -13.76 -3.60 -22.48
C LEU A 46 -13.64 -5.08 -22.84
N LEU A 47 -13.67 -5.41 -24.13
CA LEU A 47 -13.67 -6.82 -24.52
C LEU A 47 -13.25 -6.94 -25.97
N HIS A 48 -12.17 -7.69 -26.22
CA HIS A 48 -11.76 -8.06 -27.57
C HIS A 48 -11.34 -9.52 -27.57
N THR A 49 -10.85 -10.01 -28.71
CA THR A 49 -10.45 -11.40 -28.86
C THR A 49 -9.03 -11.48 -29.40
N ASP A 50 -8.32 -12.52 -28.99
CA ASP A 50 -6.96 -12.75 -29.45
C ASP A 50 -6.95 -13.75 -30.60
N SER A 51 -5.77 -14.21 -30.98
CA SER A 51 -5.64 -15.12 -32.13
C SER A 51 -6.21 -16.50 -31.83
N GLN A 52 -6.14 -16.93 -30.57
CA GLN A 52 -6.68 -18.23 -30.16
C GLN A 52 -8.18 -18.20 -29.94
N GLN A 53 -8.86 -17.16 -30.42
CA GLN A 53 -10.30 -16.97 -30.23
C GLN A 53 -10.66 -17.01 -28.74
N ARG A 54 -9.80 -16.43 -27.92
CA ARG A 54 -10.04 -16.23 -26.51
C ARG A 54 -10.37 -14.76 -26.26
N VAL A 55 -11.10 -14.51 -25.20
CA VAL A 55 -11.60 -13.17 -24.93
C VAL A 55 -10.61 -12.44 -24.03
N ARG A 56 -10.51 -11.11 -24.24
CA ARG A 56 -9.51 -10.31 -23.55
C ARG A 56 -10.08 -8.92 -23.30
N GLY A 57 -9.60 -8.28 -22.23
CA GLY A 57 -9.95 -6.92 -21.92
C GLY A 57 -10.32 -6.77 -20.46
N ILE A 58 -10.80 -5.57 -20.13
CA ILE A 58 -11.18 -5.26 -18.74
C ILE A 58 -12.29 -6.20 -18.28
N ASN A 59 -13.31 -6.37 -19.12
CA ASN A 59 -14.41 -7.27 -18.76
C ASN A 59 -13.92 -8.71 -18.61
N ALA A 60 -12.95 -9.10 -19.43
CA ALA A 60 -12.40 -10.46 -19.32
C ALA A 60 -11.66 -10.63 -17.99
N ASP A 61 -10.97 -9.59 -17.52
CA ASP A 61 -10.25 -9.70 -16.26
C ASP A 61 -11.21 -9.87 -15.09
N TYR A 62 -12.34 -9.16 -15.12
CA TYR A 62 -13.33 -9.32 -14.06
C TYR A 62 -14.01 -10.69 -14.15
N LEU A 63 -14.29 -11.15 -15.38
CA LEU A 63 -14.83 -12.49 -15.54
C LEU A 63 -13.88 -13.55 -15.01
N ASN A 64 -12.57 -13.36 -15.24
CA ASN A 64 -11.57 -14.28 -14.70
C ASN A 64 -11.64 -14.32 -13.18
N LEU A 65 -11.81 -13.17 -12.54
CA LEU A 65 -11.97 -13.13 -11.09
C LEU A 65 -13.27 -13.81 -10.66
N LEU A 66 -14.37 -13.53 -11.38
CA LEU A 66 -15.63 -14.20 -11.09
C LEU A 66 -15.49 -15.71 -11.19
N LYS A 67 -14.70 -16.18 -12.14
CA LYS A 67 -14.50 -17.62 -12.32
C LYS A 67 -13.84 -18.25 -11.10
N ARG A 68 -12.89 -17.53 -10.49
CA ARG A 68 -12.14 -18.05 -9.35
C ARG A 68 -12.84 -17.81 -8.02
N ALA A 69 -13.44 -16.61 -7.84
CA ALA A 69 -14.12 -16.31 -6.59
C ALA A 69 -15.27 -17.28 -6.34
N LEU A 70 -15.88 -17.80 -7.39
CA LEU A 70 -17.00 -18.72 -7.26
C LEU A 70 -16.63 -20.18 -7.49
N ASN A 71 -15.41 -20.44 -8.00
CA ASN A 71 -14.95 -21.80 -8.25
C ASN A 71 -15.91 -22.53 -9.19
N ILE A 72 -16.21 -21.90 -10.32
CA ILE A 72 -17.19 -22.41 -11.26
C ILE A 72 -16.70 -22.15 -12.69
N LYS A 73 -17.15 -22.99 -13.62
CA LYS A 73 -16.74 -22.86 -15.00
C LYS A 73 -17.58 -21.82 -15.73
N LEU A 74 -16.97 -21.20 -16.74
CA LEU A 74 -17.62 -20.17 -17.54
C LEU A 74 -17.68 -20.60 -18.99
N THR A 75 -18.80 -20.27 -19.64
CA THR A 75 -18.96 -20.44 -21.08
C THR A 75 -19.38 -19.10 -21.65
N LEU A 76 -18.58 -18.56 -22.58
CA LEU A 76 -18.81 -17.23 -23.10
C LEU A 76 -19.39 -17.30 -24.51
N ARG A 77 -20.53 -16.64 -24.69
CA ARG A 77 -21.18 -16.54 -25.99
C ARG A 77 -21.42 -15.08 -26.32
N GLU A 78 -21.33 -14.76 -27.61
CA GLU A 78 -21.71 -13.44 -28.11
C GLU A 78 -22.82 -13.61 -29.13
N TYR A 79 -24.00 -13.09 -28.82
CA TYR A 79 -25.12 -13.19 -29.74
C TYR A 79 -25.06 -12.06 -30.77
N ALA A 80 -25.96 -12.14 -31.75
CA ALA A 80 -25.91 -11.20 -32.87
C ALA A 80 -26.17 -9.77 -32.41
N ASP A 81 -27.11 -9.59 -31.49
CA ASP A 81 -27.46 -8.26 -30.99
C ASP A 81 -27.61 -8.34 -29.48
N HIS A 82 -28.06 -7.24 -28.88
CA HIS A 82 -28.41 -7.27 -27.46
C HIS A 82 -29.74 -7.98 -27.23
N GLN A 83 -30.68 -7.84 -28.17
CA GLN A 83 -32.03 -8.38 -27.97
C GLN A 83 -32.03 -9.90 -28.02
N LYS A 84 -31.30 -10.50 -28.97
CA LYS A 84 -31.22 -11.96 -29.01
C LYS A 84 -30.56 -12.50 -27.75
N ALA A 85 -29.61 -11.75 -27.17
CA ALA A 85 -29.02 -12.16 -25.91
C ALA A 85 -30.07 -12.18 -24.79
N MET A 86 -30.91 -11.15 -24.74
CA MET A 86 -31.97 -11.12 -23.74
C MET A 86 -33.02 -12.20 -23.99
N ASP A 87 -33.25 -12.55 -25.26
CA ASP A 87 -34.13 -13.68 -25.56
C ASP A 87 -33.56 -14.98 -25.01
N ALA A 88 -32.26 -15.18 -25.17
CA ALA A 88 -31.62 -16.37 -24.63
C ALA A 88 -31.65 -16.38 -23.11
N LEU A 89 -31.57 -15.21 -22.48
CA LEU A 89 -31.67 -15.13 -21.03
C LEU A 89 -33.06 -15.56 -20.57
N ALA A 90 -34.10 -15.04 -21.24
CA ALA A 90 -35.46 -15.41 -20.88
C ALA A 90 -35.75 -16.87 -21.21
N GLU A 91 -35.21 -17.36 -22.33
CA GLU A 91 -35.43 -18.74 -22.71
C GLU A 91 -34.66 -19.72 -21.83
N GLY A 92 -33.65 -19.25 -21.11
CA GLY A 92 -32.83 -20.11 -20.30
C GLY A 92 -31.61 -20.66 -20.99
N GLU A 93 -31.29 -20.17 -22.20
CA GLU A 93 -30.08 -20.64 -22.89
C GLU A 93 -28.81 -20.11 -22.22
N VAL A 94 -28.90 -18.94 -21.59
CA VAL A 94 -27.78 -18.38 -20.85
C VAL A 94 -28.24 -18.05 -19.43
N ASP A 95 -27.30 -18.06 -18.50
CA ASP A 95 -27.60 -17.72 -17.12
C ASP A 95 -27.43 -16.24 -16.84
N ILE A 96 -26.43 -15.61 -17.46
CA ILE A 96 -26.11 -14.21 -17.23
C ILE A 96 -25.92 -13.52 -18.57
N VAL A 97 -26.29 -12.24 -18.62
CA VAL A 97 -25.95 -11.35 -19.73
C VAL A 97 -25.16 -10.18 -19.15
N LEU A 98 -23.93 -10.01 -19.64
CA LEU A 98 -23.10 -8.87 -19.25
C LEU A 98 -23.45 -7.71 -20.19
N SER A 99 -24.07 -6.68 -19.62
CA SER A 99 -24.60 -5.59 -20.43
C SER A 99 -23.49 -4.72 -21.00
N HIS A 100 -23.85 -3.98 -22.05
CA HIS A 100 -23.00 -2.91 -22.55
C HIS A 100 -23.07 -1.73 -21.59
N LEU A 101 -22.28 -0.69 -21.88
CA LEU A 101 -22.26 0.49 -21.03
C LEU A 101 -23.59 1.22 -21.12
N VAL A 102 -24.24 1.43 -19.97
CA VAL A 102 -25.54 2.08 -19.90
C VAL A 102 -25.50 3.14 -18.82
N THR A 103 -26.46 4.06 -18.88
CA THR A 103 -26.56 5.13 -17.89
C THR A 103 -27.37 4.73 -16.67
N SER A 104 -28.18 3.68 -16.76
CA SER A 104 -28.98 3.21 -15.65
C SER A 104 -29.36 1.76 -15.91
N PRO A 105 -29.65 1.00 -14.87
CA PRO A 105 -30.01 -0.42 -15.06
C PRO A 105 -31.41 -0.55 -15.63
N PRO A 106 -31.70 -1.66 -16.29
CA PRO A 106 -33.07 -1.88 -16.80
C PRO A 106 -34.04 -2.12 -15.66
N LEU A 107 -35.28 -1.65 -15.87
CA LEU A 107 -36.28 -1.67 -14.82
C LEU A 107 -37.36 -2.74 -14.98
N ASN A 108 -37.49 -3.34 -16.17
CA ASN A 108 -38.46 -4.41 -16.34
C ASN A 108 -38.13 -5.57 -15.41
N ASN A 109 -39.14 -6.04 -14.67
CA ASN A 109 -38.90 -6.90 -13.52
C ASN A 109 -38.67 -8.36 -13.89
N ASP A 110 -38.88 -8.76 -15.15
CA ASP A 110 -38.39 -10.06 -15.58
C ASP A 110 -36.87 -10.12 -15.57
N ILE A 111 -36.20 -8.98 -15.43
CA ILE A 111 -34.76 -8.86 -15.35
C ILE A 111 -34.37 -8.50 -13.93
N ALA A 112 -33.25 -9.04 -13.47
CA ALA A 112 -32.62 -8.61 -12.22
C ALA A 112 -31.21 -8.13 -12.55
N ALA A 113 -30.85 -6.98 -11.99
CA ALA A 113 -29.53 -6.41 -12.19
C ALA A 113 -28.75 -6.42 -10.89
N THR A 114 -27.48 -6.83 -10.97
CA THR A 114 -26.59 -6.72 -9.84
C THR A 114 -26.18 -5.26 -9.64
N LYS A 115 -25.42 -5.01 -8.58
CA LYS A 115 -24.77 -3.72 -8.44
C LYS A 115 -23.78 -3.55 -9.60
N PRO A 116 -23.46 -2.30 -9.96
CA PRO A 116 -22.68 -2.09 -11.19
C PRO A 116 -21.30 -2.73 -11.11
N LEU A 117 -20.89 -3.36 -12.21
CA LEU A 117 -19.53 -3.85 -12.34
C LEU A 117 -18.60 -2.69 -12.65
N ILE A 118 -18.56 -2.28 -13.91
CA ILE A 118 -17.74 -1.16 -14.34
C ILE A 118 -18.45 0.14 -14.00
N ILE A 119 -17.72 1.09 -13.43
CA ILE A 119 -18.22 2.43 -13.18
C ILE A 119 -17.25 3.42 -13.81
N THR A 120 -17.74 4.22 -14.76
CA THR A 120 -16.91 5.17 -15.48
C THR A 120 -17.59 6.53 -15.50
N PHE A 121 -16.80 7.56 -15.78
CA PHE A 121 -17.21 8.95 -15.65
C PHE A 121 -17.01 9.70 -16.96
N PRO A 122 -17.73 10.80 -17.17
CA PRO A 122 -17.48 11.62 -18.36
C PRO A 122 -16.21 12.44 -18.20
N ALA A 123 -15.55 12.70 -19.32
CA ALA A 123 -14.30 13.44 -19.33
C ALA A 123 -14.30 14.47 -20.44
N LEU A 124 -13.73 15.64 -20.16
CA LEU A 124 -13.53 16.68 -21.15
C LEU A 124 -12.15 16.53 -21.75
N VAL A 125 -12.07 16.52 -23.08
CA VAL A 125 -10.83 16.26 -23.81
C VAL A 125 -10.57 17.40 -24.78
N THR A 126 -9.33 17.89 -24.81
CA THR A 126 -8.92 18.93 -25.73
C THR A 126 -7.49 18.67 -26.17
N THR A 127 -7.02 19.50 -27.10
CA THR A 127 -5.64 19.43 -27.55
C THR A 127 -4.69 19.83 -26.42
N LEU A 128 -3.47 19.33 -26.48
CA LEU A 128 -2.51 19.59 -25.42
C LEU A 128 -2.14 21.06 -25.32
N HIS A 129 -2.13 21.78 -26.45
CA HIS A 129 -1.76 23.19 -26.45
C HIS A 129 -2.94 24.12 -26.20
N ASP A 130 -4.13 23.57 -25.99
CA ASP A 130 -5.29 24.36 -25.58
C ASP A 130 -5.80 23.96 -24.20
N SER A 131 -5.03 23.16 -23.46
CA SER A 131 -5.51 22.63 -22.19
C SER A 131 -5.61 23.71 -21.11
N MET A 132 -4.72 24.70 -21.14
CA MET A 132 -4.74 25.75 -20.12
C MET A 132 -5.84 26.77 -20.34
N ARG A 133 -6.59 26.68 -21.43
CA ARG A 133 -7.76 27.53 -21.61
C ARG A 133 -8.85 27.13 -20.62
N PRO A 134 -9.75 28.05 -20.30
CA PRO A 134 -10.80 27.73 -19.31
C PRO A 134 -11.65 26.55 -19.73
N LEU A 135 -12.08 25.78 -18.74
CA LEU A 135 -12.91 24.59 -18.95
C LEU A 135 -14.39 24.90 -19.05
N THR A 136 -14.76 26.18 -18.98
CA THR A 136 -16.11 26.65 -19.29
C THR A 136 -16.00 27.87 -20.18
N SER A 137 -17.07 28.17 -20.91
CA SER A 137 -17.06 29.34 -21.77
C SER A 137 -18.49 29.75 -22.09
N PRO A 138 -18.79 31.05 -22.09
CA PRO A 138 -20.07 31.52 -22.62
C PRO A 138 -20.07 31.79 -24.12
N LYS A 139 -18.93 31.62 -24.78
CA LYS A 139 -18.77 31.94 -26.19
C LYS A 139 -19.08 30.72 -27.05
N PRO A 140 -19.28 30.92 -28.36
CA PRO A 140 -19.53 29.77 -29.24
C PRO A 140 -18.36 28.80 -29.27
N VAL A 141 -18.68 27.52 -29.40
CA VAL A 141 -17.69 26.46 -29.28
C VAL A 141 -18.23 25.20 -29.93
N ASN A 142 -17.33 24.42 -30.54
CA ASN A 142 -17.68 23.16 -31.19
C ASN A 142 -17.33 22.00 -30.26
N ILE A 143 -18.33 21.22 -29.87
CA ILE A 143 -18.18 20.17 -28.87
C ILE A 143 -18.56 18.84 -29.51
N ALA A 144 -17.64 17.88 -29.47
CA ALA A 144 -17.86 16.56 -30.05
C ALA A 144 -18.26 15.55 -28.98
N ARG A 145 -19.01 14.54 -29.40
CA ARG A 145 -19.45 13.49 -28.50
C ARG A 145 -19.84 12.27 -29.31
N VAL A 146 -19.91 11.12 -28.63
CA VAL A 146 -20.32 9.87 -29.24
C VAL A 146 -21.80 9.64 -28.93
N ALA A 147 -22.62 9.57 -29.97
CA ALA A 147 -24.06 9.32 -29.86
C ALA A 147 -24.67 10.43 -29.01
N ASN A 148 -25.48 10.12 -28.00
CA ASN A 148 -26.12 11.13 -27.17
C ASN A 148 -25.57 11.13 -25.75
N TYR A 149 -24.33 10.68 -25.57
CA TYR A 149 -23.70 10.70 -24.26
C TYR A 149 -22.57 11.71 -24.25
N PRO A 150 -22.62 12.73 -23.39
CA PRO A 150 -23.71 13.02 -22.46
C PRO A 150 -24.81 13.86 -23.13
N PRO A 151 -25.97 14.03 -22.48
CA PRO A 151 -27.06 14.78 -23.09
C PRO A 151 -26.70 16.25 -23.31
N ASP A 152 -27.60 16.95 -24.00
CA ASP A 152 -27.33 18.34 -24.37
C ASP A 152 -27.23 19.23 -23.15
N GLU A 153 -28.13 19.04 -22.17
CA GLU A 153 -28.23 20.01 -21.07
C GLU A 153 -27.01 19.98 -20.16
N VAL A 154 -26.38 18.81 -19.98
CA VAL A 154 -25.17 18.76 -19.16
C VAL A 154 -24.02 19.48 -19.87
N ILE A 155 -23.89 19.27 -21.18
CA ILE A 155 -22.89 20.01 -21.95
C ILE A 155 -23.17 21.51 -21.88
N HIS A 156 -24.46 21.87 -21.85
CA HIS A 156 -24.83 23.29 -21.85
C HIS A 156 -24.58 23.95 -20.50
N GLN A 157 -24.38 23.18 -19.44
CA GLN A 157 -24.05 23.80 -18.15
C GLN A 157 -22.65 24.40 -18.16
N SER A 158 -21.75 23.87 -18.99
CA SER A 158 -20.40 24.39 -19.14
C SER A 158 -20.25 25.26 -20.37
N PHE A 159 -20.93 24.93 -21.46
CA PHE A 159 -20.82 25.65 -22.73
C PHE A 159 -22.23 25.92 -23.24
N PRO A 160 -22.88 26.98 -22.74
CA PRO A 160 -24.26 27.25 -23.17
C PRO A 160 -24.38 27.58 -24.65
N LYS A 161 -23.34 28.14 -25.26
CA LYS A 161 -23.35 28.46 -26.69
C LYS A 161 -22.57 27.42 -27.49
N ALA A 162 -22.82 26.14 -27.21
CA ALA A 162 -22.09 25.05 -27.83
C ALA A 162 -22.85 24.49 -29.01
N THR A 163 -22.12 24.12 -30.06
CA THR A 163 -22.66 23.36 -31.18
C THR A 163 -22.15 21.92 -31.02
N ILE A 164 -23.06 21.00 -30.74
CA ILE A 164 -22.73 19.63 -30.40
C ILE A 164 -22.82 18.79 -31.67
N ILE A 165 -21.77 18.01 -31.94
CA ILE A 165 -21.70 17.15 -33.12
C ILE A 165 -21.61 15.71 -32.63
N SER A 166 -22.65 14.92 -32.92
CA SER A 166 -22.72 13.54 -32.47
C SER A 166 -22.06 12.64 -33.49
N PHE A 167 -21.06 11.88 -33.05
CA PHE A 167 -20.33 10.96 -33.91
C PHE A 167 -20.83 9.53 -33.73
N THR A 168 -20.73 8.75 -34.79
CA THR A 168 -20.99 7.32 -34.70
C THR A 168 -19.93 6.62 -33.86
N ASN A 169 -18.69 7.09 -33.93
CA ASN A 169 -17.52 6.33 -33.53
C ASN A 169 -16.62 7.18 -32.63
N LEU A 170 -16.00 6.54 -31.64
CA LEU A 170 -15.16 7.27 -30.70
C LEU A 170 -13.91 7.82 -31.39
N TYR A 171 -13.23 6.97 -32.17
CA TYR A 171 -12.01 7.40 -32.84
C TYR A 171 -12.26 8.62 -33.73
N GLN A 172 -13.36 8.59 -34.48
CA GLN A 172 -13.67 9.70 -35.38
C GLN A 172 -13.89 10.99 -34.61
N ALA A 173 -14.53 10.90 -33.44
CA ALA A 173 -14.81 12.11 -32.66
C ALA A 173 -13.55 12.66 -32.01
N LEU A 174 -12.69 11.77 -31.50
CA LEU A 174 -11.43 12.22 -30.93
C LEU A 174 -10.52 12.81 -31.99
N ALA A 175 -10.50 12.20 -33.19
CA ALA A 175 -9.64 12.70 -34.26
C ALA A 175 -10.08 14.08 -34.73
N SER A 176 -11.38 14.38 -34.71
CA SER A 176 -11.85 15.70 -35.12
C SER A 176 -11.35 16.79 -34.19
N VAL A 177 -11.14 16.47 -32.91
CA VAL A 177 -10.46 17.39 -32.01
C VAL A 177 -8.96 17.40 -32.30
N SER A 178 -8.39 16.21 -32.55
CA SER A 178 -6.98 16.10 -32.85
C SER A 178 -6.61 16.93 -34.08
N ALA A 179 -7.46 16.92 -35.10
CA ALA A 179 -7.23 17.76 -36.27
C ALA A 179 -7.41 19.23 -35.92
N GLY A 180 -8.61 19.62 -35.49
CA GLY A 180 -8.87 20.99 -35.11
C GLY A 180 -10.27 21.46 -35.46
N HIS A 181 -11.12 20.54 -35.90
CA HIS A 181 -12.49 20.91 -36.25
C HIS A 181 -13.30 21.24 -35.00
N ASN A 182 -13.11 20.49 -33.93
CA ASN A 182 -13.89 20.64 -32.72
C ASN A 182 -12.98 21.02 -31.56
N ASP A 183 -13.47 21.95 -30.72
CA ASP A 183 -12.65 22.49 -29.64
C ASP A 183 -12.51 21.52 -28.48
N TYR A 184 -13.54 20.71 -28.21
CA TYR A 184 -13.50 19.75 -27.11
C TYR A 184 -14.25 18.50 -27.51
N PHE A 185 -13.86 17.38 -26.90
CA PHE A 185 -14.63 16.15 -26.93
C PHE A 185 -15.02 15.80 -25.50
N ILE A 186 -16.22 15.23 -25.34
CA ILE A 186 -16.69 14.78 -24.03
C ILE A 186 -17.31 13.40 -24.21
N GLY A 187 -16.91 12.46 -23.36
CA GLY A 187 -17.37 11.10 -23.49
C GLY A 187 -16.92 10.25 -22.32
N SER A 188 -17.20 8.96 -22.43
CA SER A 188 -16.91 8.02 -21.35
C SER A 188 -15.41 7.88 -21.15
N ASN A 189 -14.96 8.03 -19.90
CA ASN A 189 -13.51 8.10 -19.63
C ASN A 189 -12.83 6.75 -19.80
N ILE A 190 -13.51 5.66 -19.42
CA ILE A 190 -12.87 4.34 -19.47
C ILE A 190 -12.43 4.00 -20.88
N ILE A 191 -13.18 4.47 -21.88
CA ILE A 191 -12.82 4.23 -23.27
C ILE A 191 -12.14 5.43 -23.92
N THR A 192 -12.29 6.63 -23.36
CA THR A 192 -11.62 7.80 -23.91
C THR A 192 -10.15 7.83 -23.52
N SER A 193 -9.86 7.70 -22.23
CA SER A 193 -8.47 7.55 -21.79
C SER A 193 -7.82 6.36 -22.46
N SER A 194 -8.57 5.27 -22.60
CA SER A 194 -8.06 4.07 -23.26
C SER A 194 -7.44 4.39 -24.62
N MET A 195 -8.21 5.07 -25.48
CA MET A 195 -7.81 5.22 -26.88
C MET A 195 -6.83 6.37 -27.08
N ILE A 196 -6.91 7.40 -26.23
CA ILE A 196 -5.97 8.51 -26.31
C ILE A 196 -4.53 8.00 -26.19
N SER A 197 -4.30 7.11 -25.22
CA SER A 197 -2.96 6.56 -25.03
C SER A 197 -2.53 5.68 -26.21
N ARG A 198 -3.47 5.11 -26.96
CA ARG A 198 -3.12 4.21 -28.06
C ARG A 198 -2.94 4.95 -29.38
N TYR A 199 -3.71 6.01 -29.64
CA TYR A 199 -3.74 6.61 -30.96
C TYR A 199 -3.45 8.11 -30.94
N PHE A 200 -3.84 8.79 -29.86
CA PHE A 200 -3.75 10.26 -29.81
C PHE A 200 -2.86 10.75 -28.68
N THR A 201 -1.94 9.92 -28.18
CA THR A 201 -1.14 10.29 -27.02
C THR A 201 -0.35 11.57 -27.26
N HIS A 202 0.05 11.82 -28.51
CA HIS A 202 0.86 12.99 -28.83
C HIS A 202 0.04 14.26 -28.90
N SER A 203 -1.28 14.17 -28.99
CA SER A 203 -2.08 15.29 -29.45
C SER A 203 -3.22 15.67 -28.51
N LEU A 204 -3.75 14.71 -27.76
CA LEU A 204 -4.92 14.95 -26.92
C LEU A 204 -4.63 14.56 -25.49
N ASN A 205 -5.42 15.13 -24.57
CA ASN A 205 -5.37 14.77 -23.16
C ASN A 205 -6.67 15.19 -22.50
N VAL A 206 -6.95 14.58 -21.35
CA VAL A 206 -8.13 14.88 -20.57
C VAL A 206 -7.83 16.06 -19.65
N VAL A 207 -8.80 16.96 -19.51
CA VAL A 207 -8.62 18.14 -18.67
C VAL A 207 -9.60 18.22 -17.52
N LYS A 208 -10.69 17.44 -17.52
CA LYS A 208 -11.68 17.54 -16.47
C LYS A 208 -12.54 16.28 -16.47
N TYR A 209 -12.82 15.77 -15.28
CA TYR A 209 -13.81 14.73 -15.09
C TYR A 209 -15.08 15.34 -14.51
N TYR A 210 -16.22 14.76 -14.88
CA TYR A 210 -17.50 15.16 -14.32
C TYR A 210 -18.05 14.04 -13.45
N ASN A 211 -18.74 14.43 -12.37
CA ASN A 211 -19.31 13.45 -11.47
C ASN A 211 -20.52 12.76 -12.05
N SER A 212 -21.19 13.38 -13.01
CA SER A 212 -22.43 12.86 -13.58
C SER A 212 -22.52 13.33 -15.03
N PRO A 213 -23.21 12.58 -15.90
CA PRO A 213 -23.81 11.27 -15.65
C PRO A 213 -22.86 10.11 -15.89
N ARG A 214 -22.70 9.25 -14.89
CA ARG A 214 -21.81 8.09 -15.01
C ARG A 214 -22.43 7.03 -15.92
N GLN A 215 -21.58 6.13 -16.38
CA GLN A 215 -22.01 4.97 -17.14
C GLN A 215 -21.60 3.69 -16.41
N TYR A 216 -22.37 2.63 -16.60
CA TYR A 216 -22.12 1.35 -15.94
C TYR A 216 -22.42 0.22 -16.90
N ASN A 217 -21.98 -0.97 -16.52
CA ASN A 217 -22.52 -2.22 -17.04
C ASN A 217 -22.92 -3.11 -15.86
N PHE A 218 -23.83 -4.04 -16.12
CA PHE A 218 -24.38 -4.87 -15.06
C PHE A 218 -24.41 -6.32 -15.51
N PHE A 219 -24.36 -7.22 -14.52
CA PHE A 219 -24.77 -8.59 -14.74
C PHE A 219 -26.29 -8.67 -14.67
N LEU A 220 -26.88 -9.40 -15.61
CA LEU A 220 -28.34 -9.47 -15.73
C LEU A 220 -28.79 -10.91 -15.68
N THR A 221 -29.72 -11.19 -14.78
CA THR A 221 -30.27 -12.54 -14.58
C THR A 221 -31.79 -12.48 -14.70
N ARG A 222 -32.39 -13.66 -14.84
CA ARG A 222 -33.83 -13.77 -14.71
C ARG A 222 -34.24 -13.45 -13.27
N LYS A 223 -35.46 -12.96 -13.10
CA LYS A 223 -35.95 -12.69 -11.75
C LYS A 223 -36.05 -13.96 -10.93
N GLU A 224 -36.23 -15.11 -11.59
CA GLU A 224 -36.31 -16.39 -10.89
C GLU A 224 -34.98 -16.83 -10.31
N SER A 225 -33.85 -16.36 -10.88
CA SER A 225 -32.53 -16.79 -10.44
C SER A 225 -32.12 -15.98 -9.22
N VAL A 226 -32.82 -16.24 -8.11
CA VAL A 226 -32.56 -15.50 -6.88
C VAL A 226 -31.15 -15.80 -6.36
N ILE A 227 -30.80 -17.09 -6.27
CA ILE A 227 -29.53 -17.48 -5.67
C ILE A 227 -28.36 -17.01 -6.52
N LEU A 228 -28.48 -17.11 -7.84
CA LEU A 228 -27.40 -16.66 -8.71
C LEU A 228 -27.16 -15.17 -8.54
N ASN A 229 -28.23 -14.37 -8.52
CA ASN A 229 -28.07 -12.92 -8.37
C ASN A 229 -27.46 -12.55 -7.02
N GLU A 230 -27.86 -13.25 -5.94
CA GLU A 230 -27.27 -12.93 -4.63
C GLU A 230 -25.82 -13.38 -4.56
N VAL A 231 -25.44 -14.38 -5.35
CA VAL A 231 -24.04 -14.79 -5.38
C VAL A 231 -23.23 -13.83 -6.25
N LEU A 232 -23.78 -13.44 -7.41
CA LEU A 232 -23.10 -12.46 -8.25
C LEU A 232 -22.91 -11.14 -7.50
N ASN A 233 -23.92 -10.72 -6.73
CA ASN A 233 -23.79 -9.50 -5.95
C ASN A 233 -22.72 -9.64 -4.87
N ARG A 234 -22.59 -10.83 -4.29
CA ARG A 234 -21.52 -11.06 -3.32
C ARG A 234 -20.15 -10.88 -3.95
N PHE A 235 -20.02 -11.26 -5.23
CA PHE A 235 -18.74 -11.09 -5.92
C PHE A 235 -18.47 -9.62 -6.21
N VAL A 236 -19.49 -8.87 -6.63
CA VAL A 236 -19.29 -7.47 -6.99
C VAL A 236 -18.96 -6.62 -5.77
N ASP A 237 -19.55 -6.94 -4.61
CA ASP A 237 -19.25 -6.18 -3.40
C ASP A 237 -17.79 -6.32 -2.99
N ALA A 238 -17.18 -7.47 -3.30
CA ALA A 238 -15.77 -7.69 -2.99
C ALA A 238 -14.83 -6.92 -3.90
N LEU A 239 -15.34 -6.22 -4.89
CA LEU A 239 -14.52 -5.45 -5.83
C LEU A 239 -14.34 -4.05 -5.26
N THR A 240 -13.29 -3.88 -4.47
CA THR A 240 -13.00 -2.60 -3.82
C THR A 240 -12.22 -1.70 -4.76
N ASN A 241 -12.05 -0.44 -4.34
CA ASN A 241 -11.28 0.52 -5.12
C ASN A 241 -9.86 0.02 -5.36
N GLU A 242 -9.29 -0.68 -4.37
CA GLU A 242 -7.96 -1.25 -4.56
C GLU A 242 -7.97 -2.37 -5.59
N VAL A 243 -9.01 -3.20 -5.60
CA VAL A 243 -9.11 -4.27 -6.58
C VAL A 243 -9.39 -3.71 -7.96
N ARG A 244 -10.31 -2.74 -8.06
CA ARG A 244 -10.67 -2.18 -9.36
C ARG A 244 -9.50 -1.43 -9.97
N TYR A 245 -8.69 -0.75 -9.14
CA TYR A 245 -7.54 -0.04 -9.66
C TYR A 245 -6.55 -0.99 -10.34
N GLU A 246 -6.24 -2.11 -9.68
CA GLU A 246 -5.27 -3.04 -10.23
C GLU A 246 -5.76 -3.67 -11.53
N VAL A 247 -7.06 -3.96 -11.61
CA VAL A 247 -7.60 -4.54 -12.83
C VAL A 247 -7.46 -3.58 -14.00
N SER A 248 -7.80 -2.31 -13.78
CA SER A 248 -7.72 -1.31 -14.84
C SER A 248 -6.30 -0.85 -15.11
N GLN A 249 -5.34 -1.18 -14.25
CA GLN A 249 -3.94 -0.86 -14.54
C GLN A 249 -3.44 -1.65 -15.73
N ASN A 250 -3.96 -2.86 -15.94
CA ASN A 250 -3.54 -3.69 -17.07
C ASN A 250 -3.92 -3.11 -18.42
N TRP A 251 -4.81 -2.12 -18.46
CA TRP A 251 -5.34 -1.61 -19.72
C TRP A 251 -5.34 -0.09 -19.84
N LEU A 252 -5.05 0.64 -18.77
CA LEU A 252 -5.05 2.10 -18.79
C LEU A 252 -3.72 2.61 -18.28
N ASP A 253 -3.17 3.61 -18.98
CA ASP A 253 -1.98 4.32 -18.49
C ASP A 253 -2.40 5.55 -17.70
N THR A 254 -3.00 6.53 -18.38
CA THR A 254 -3.58 7.69 -17.76
C THR A 254 -5.10 7.57 -17.74
N GLY A 255 -5.72 8.24 -16.78
CA GLY A 255 -7.17 8.23 -16.69
C GLY A 255 -7.76 7.06 -15.94
N ASN A 256 -6.96 6.39 -15.10
CA ASN A 256 -7.46 5.29 -14.28
C ASN A 256 -8.15 5.89 -13.06
N LEU A 257 -9.47 6.03 -13.14
CA LEU A 257 -10.28 6.54 -12.03
C LEU A 257 -10.88 5.42 -11.19
N ALA A 258 -10.45 4.17 -11.39
CA ALA A 258 -11.05 3.05 -10.69
C ALA A 258 -10.88 3.14 -9.19
N PHE A 259 -9.86 3.86 -8.71
CA PHE A 259 -9.64 3.99 -7.26
C PHE A 259 -10.74 4.78 -6.56
N LEU A 260 -11.69 5.35 -7.29
CA LEU A 260 -12.80 6.08 -6.68
C LEU A 260 -14.15 5.55 -7.16
N ASN A 261 -14.19 4.33 -7.69
CA ASN A 261 -15.47 3.74 -8.08
C ASN A 261 -16.37 3.53 -6.86
N LYS A 262 -15.79 3.12 -5.74
CA LYS A 262 -16.57 2.89 -4.54
C LYS A 262 -16.48 4.10 -3.61
N PRO A 263 -17.53 4.35 -2.83
CA PRO A 263 -17.51 5.49 -1.90
C PRO A 263 -16.46 5.30 -0.81
N LEU A 264 -16.20 6.39 -0.10
CA LEU A 264 -15.31 6.38 1.05
C LEU A 264 -16.10 6.04 2.31
N GLU A 265 -15.40 5.49 3.28
CA GLU A 265 -16.00 5.18 4.58
C GLU A 265 -16.16 6.48 5.36
N LEU A 266 -17.35 7.08 5.27
CA LEU A 266 -17.66 8.32 5.96
C LEU A 266 -18.65 8.06 7.09
N THR A 267 -18.51 8.81 8.16
CA THR A 267 -19.52 8.80 9.20
C THR A 267 -20.82 9.42 8.68
N GLU A 268 -21.93 9.02 9.30
CA GLU A 268 -23.22 9.62 8.93
C GLU A 268 -23.25 11.11 9.22
N HIS A 269 -22.40 11.58 10.13
CA HIS A 269 -22.27 13.01 10.37
C HIS A 269 -21.49 13.70 9.25
N GLU A 270 -20.44 13.04 8.75
CA GLU A 270 -19.71 13.59 7.60
C GLU A 270 -20.57 13.59 6.35
N LYS A 271 -21.37 12.55 6.16
CA LYS A 271 -22.25 12.50 5.00
C LYS A 271 -23.32 13.59 5.06
N GLN A 272 -23.87 13.82 6.25
CA GLN A 272 -24.82 14.93 6.41
C GLN A 272 -24.12 16.27 6.17
N TRP A 273 -22.86 16.39 6.58
CA TRP A 273 -22.13 17.64 6.40
C TRP A 273 -21.90 17.94 4.93
N ILE A 274 -21.47 16.94 4.15
CA ILE A 274 -21.35 17.11 2.71
C ILE A 274 -22.69 17.48 2.11
N LYS A 275 -23.77 16.88 2.62
CA LYS A 275 -25.11 17.15 2.11
C LYS A 275 -25.50 18.60 2.34
N GLN A 276 -25.09 19.19 3.46
CA GLN A 276 -25.48 20.54 3.83
C GLN A 276 -24.48 21.60 3.38
N HIS A 277 -23.33 21.19 2.84
CA HIS A 277 -22.33 22.13 2.32
C HIS A 277 -21.82 21.60 0.98
N PRO A 278 -22.65 21.69 -0.07
CA PRO A 278 -22.27 21.06 -1.34
C PRO A 278 -21.31 21.86 -2.19
N ASN A 279 -21.20 23.18 -2.00
CA ASN A 279 -20.36 24.03 -2.83
C ASN A 279 -19.49 24.91 -1.95
N LEU A 280 -18.19 24.64 -1.94
CA LEU A 280 -17.23 25.36 -1.12
C LEU A 280 -16.39 26.31 -1.97
N LYS A 281 -15.82 27.31 -1.31
CA LYS A 281 -15.04 28.36 -1.96
C LYS A 281 -13.55 28.07 -1.81
N VAL A 282 -12.80 28.33 -2.88
CA VAL A 282 -11.37 28.02 -2.95
C VAL A 282 -10.59 29.32 -3.00
N LEU A 283 -9.89 29.63 -1.92
CA LEU A 283 -9.03 30.81 -1.88
C LEU A 283 -7.92 30.68 -2.92
N GLU A 284 -7.62 31.79 -3.60
CA GLU A 284 -6.65 31.75 -4.68
C GLU A 284 -5.23 31.84 -4.15
N ASN A 285 -4.37 30.95 -4.62
CA ASN A 285 -2.97 30.89 -4.22
C ASN A 285 -2.13 31.83 -5.05
N PRO A 286 -0.95 32.21 -4.57
CA PRO A 286 0.05 32.81 -5.46
C PRO A 286 0.50 31.80 -6.50
N TYR A 287 1.00 32.32 -7.61
CA TYR A 287 1.50 31.47 -8.69
C TYR A 287 2.64 30.60 -8.17
N SER A 288 2.43 29.27 -8.20
CA SER A 288 3.45 28.32 -7.77
C SER A 288 3.28 27.03 -8.56
N PRO A 289 3.67 27.03 -9.83
CA PRO A 289 3.52 25.82 -10.66
C PRO A 289 4.53 24.76 -10.23
N PRO A 290 4.26 23.49 -10.51
CA PRO A 290 3.06 22.98 -11.19
C PRO A 290 1.90 22.73 -10.24
N TYR A 291 2.05 23.15 -8.99
CA TYR A 291 1.07 22.80 -7.95
C TYR A 291 -0.18 23.64 -8.05
N SER A 292 -0.05 24.96 -7.86
CA SER A 292 -1.20 25.87 -7.90
C SER A 292 -1.02 26.85 -9.05
N MET A 293 -1.93 26.77 -10.04
CA MET A 293 -2.00 27.72 -11.13
C MET A 293 -3.47 28.01 -11.40
N THR A 294 -3.73 29.11 -12.11
CA THR A 294 -5.09 29.50 -12.46
C THR A 294 -5.17 29.86 -13.94
N ASP A 295 -6.34 29.60 -14.53
CA ASP A 295 -6.59 29.98 -15.91
C ASP A 295 -7.21 31.37 -15.97
N GLU A 296 -7.54 31.82 -17.17
CA GLU A 296 -8.01 33.19 -17.38
C GLU A 296 -9.33 33.47 -16.66
N ASN A 297 -10.06 32.43 -16.24
CA ASN A 297 -11.28 32.61 -15.48
C ASN A 297 -11.05 32.55 -13.98
N GLY A 298 -9.79 32.46 -13.55
CA GLY A 298 -9.50 32.41 -12.13
C GLY A 298 -9.77 31.09 -11.45
N SER A 299 -9.91 30.02 -12.22
CA SER A 299 -10.18 28.70 -11.66
C SER A 299 -8.88 27.92 -11.46
N VAL A 300 -8.87 27.09 -10.41
CA VAL A 300 -7.65 26.43 -9.97
C VAL A 300 -7.29 25.32 -10.93
N ARG A 301 -6.11 25.42 -11.55
CA ARG A 301 -5.54 24.37 -12.37
C ARG A 301 -4.28 23.83 -11.69
N GLY A 302 -3.44 23.14 -12.44
CA GLY A 302 -2.27 22.53 -11.85
C GLY A 302 -2.64 21.27 -11.07
N VAL A 303 -1.63 20.73 -10.39
CA VAL A 303 -1.81 19.48 -9.66
C VAL A 303 -2.87 19.64 -8.57
N MET A 304 -2.83 20.77 -7.85
CA MET A 304 -3.83 21.00 -6.81
C MET A 304 -5.22 21.15 -7.41
N GLY A 305 -5.32 21.80 -8.56
CA GLY A 305 -6.61 21.92 -9.23
C GLY A 305 -7.16 20.58 -9.68
N ASP A 306 -6.29 19.69 -10.16
CA ASP A 306 -6.74 18.38 -10.60
C ASP A 306 -7.10 17.48 -9.43
N ILE A 307 -6.36 17.59 -8.32
CA ILE A 307 -6.72 16.85 -7.12
C ILE A 307 -8.10 17.27 -6.64
N LEU A 308 -8.41 18.57 -6.74
CA LEU A 308 -9.74 19.04 -6.35
C LEU A 308 -10.82 18.44 -7.24
N ASN A 309 -10.54 18.29 -8.54
CA ASN A 309 -11.45 17.57 -9.42
C ASN A 309 -11.65 16.14 -8.92
N ILE A 310 -10.56 15.48 -8.51
CA ILE A 310 -10.67 14.11 -8.03
C ILE A 310 -11.46 14.04 -6.73
N ILE A 311 -11.24 14.99 -5.83
CA ILE A 311 -11.96 15.01 -4.56
C ILE A 311 -13.46 15.15 -4.80
N THR A 312 -13.85 15.89 -5.84
CA THR A 312 -15.27 16.04 -6.17
C THR A 312 -15.91 14.68 -6.49
N LEU A 313 -15.24 13.89 -7.34
CA LEU A 313 -15.78 12.57 -7.66
C LEU A 313 -15.78 11.65 -6.44
N GLN A 314 -14.82 11.84 -5.53
CA GLN A 314 -14.71 10.99 -4.35
C GLN A 314 -15.79 11.31 -3.31
N THR A 315 -16.07 12.59 -3.11
CA THR A 315 -16.90 13.02 -1.99
C THR A 315 -18.24 13.63 -2.40
N GLY A 316 -18.36 14.13 -3.63
CA GLY A 316 -19.53 14.88 -4.03
C GLY A 316 -19.44 16.37 -3.80
N LEU A 317 -18.45 16.81 -3.01
CA LEU A 317 -18.23 18.24 -2.83
C LEU A 317 -17.89 18.90 -4.15
N ASN A 318 -18.40 20.11 -4.36
CA ASN A 318 -18.05 20.92 -5.52
C ASN A 318 -17.32 22.16 -5.05
N PHE A 319 -16.39 22.63 -5.87
CA PHE A 319 -15.56 23.77 -5.55
C PHE A 319 -15.69 24.83 -6.63
N SER A 320 -15.76 26.09 -6.20
CA SER A 320 -15.89 27.23 -7.10
C SER A 320 -14.79 28.23 -6.80
N PRO A 321 -14.39 29.03 -7.80
CA PRO A 321 -13.30 29.98 -7.57
C PRO A 321 -13.69 31.14 -6.67
N ILE A 322 -12.67 31.68 -5.99
CA ILE A 322 -12.75 32.94 -5.25
C ILE A 322 -11.35 33.54 -5.26
N THR A 323 -11.26 34.82 -4.87
CA THR A 323 -9.99 35.51 -4.83
C THR A 323 -9.67 35.94 -3.41
N VAL A 324 -8.45 36.40 -3.21
CA VAL A 324 -7.98 36.82 -1.88
C VAL A 324 -8.77 38.02 -1.38
N GLY A 338 -14.58 34.20 4.24
CA GLY A 338 -15.65 33.33 3.77
C GLY A 338 -15.16 32.21 2.88
N TRP A 339 -13.85 32.01 2.84
CA TRP A 339 -13.24 30.93 2.07
C TRP A 339 -13.23 29.64 2.90
N ASP A 340 -13.11 28.51 2.19
CA ASP A 340 -13.20 27.20 2.83
C ASP A 340 -11.99 26.29 2.61
N ILE A 341 -11.20 26.52 1.57
CA ILE A 341 -10.07 25.64 1.30
C ILE A 341 -8.97 26.42 0.59
N ILE A 342 -7.72 26.13 0.94
CA ILE A 342 -6.54 26.66 0.29
C ILE A 342 -5.93 25.54 -0.54
N PRO A 343 -5.92 25.64 -1.87
CA PRO A 343 -5.44 24.55 -2.74
C PRO A 343 -3.92 24.49 -2.82
N GLY A 344 -3.31 23.89 -1.80
CA GLY A 344 -1.87 23.79 -1.77
C GLY A 344 -1.25 24.73 -0.76
N ALA A 345 -0.64 24.17 0.29
CA ALA A 345 -0.02 24.96 1.34
C ALA A 345 1.10 24.15 1.97
N ILE A 346 2.11 24.87 2.45
CA ILE A 346 3.26 24.25 3.10
C ILE A 346 2.99 24.20 4.60
N TYR A 347 3.08 23.00 5.18
CA TYR A 347 2.88 22.85 6.61
C TYR A 347 3.92 23.66 7.37
N SER A 348 3.46 24.37 8.40
CA SER A 348 4.35 25.10 9.29
C SER A 348 3.73 25.12 10.68
N GLU A 349 4.60 25.25 11.69
CA GLU A 349 4.11 25.28 13.07
C GLU A 349 3.39 26.59 13.35
N ASP A 350 3.93 27.71 12.88
CA ASP A 350 3.29 29.00 13.10
C ASP A 350 1.93 29.07 12.42
N ARG A 351 1.89 28.79 11.11
CA ARG A 351 0.66 28.95 10.34
C ARG A 351 -0.43 27.98 10.77
N GLU A 352 -0.09 26.92 11.50
CA GLU A 352 -1.12 26.04 12.05
C GLU A 352 -1.97 26.75 13.10
N ASN A 353 -1.45 27.81 13.71
CA ASN A 353 -2.25 28.63 14.60
C ASN A 353 -3.17 29.58 13.84
N ASN A 354 -3.05 29.66 12.52
CA ASN A 354 -3.93 30.46 11.68
C ASN A 354 -4.87 29.62 10.82
N VAL A 355 -4.48 28.40 10.47
CA VAL A 355 -5.27 27.53 9.61
C VAL A 355 -5.27 26.12 10.21
N LEU A 356 -5.95 25.20 9.52
CA LEU A 356 -5.94 23.79 9.85
C LEU A 356 -5.41 23.01 8.65
N PHE A 357 -4.54 22.04 8.90
CA PHE A 357 -3.82 21.36 7.84
C PHE A 357 -4.33 19.93 7.67
N ALA A 358 -4.52 19.54 6.42
CA ALA A 358 -4.74 18.14 6.10
C ALA A 358 -3.40 17.40 6.08
N GLU A 359 -3.47 16.07 6.04
CA GLU A 359 -2.26 15.28 5.99
C GLU A 359 -1.53 15.52 4.68
N ALA A 360 -0.20 15.56 4.75
CA ALA A 360 0.61 15.81 3.56
C ALA A 360 0.47 14.65 2.57
N PHE A 361 0.34 15.00 1.28
CA PHE A 361 0.34 13.99 0.22
C PHE A 361 1.43 14.22 -0.80
N ILE A 362 2.21 15.29 -0.68
CA ILE A 362 3.41 15.50 -1.48
C ILE A 362 4.51 16.04 -0.58
N THR A 363 5.68 15.42 -0.64
CA THR A 363 6.86 15.88 0.08
C THR A 363 7.91 16.30 -0.94
N THR A 364 8.57 17.42 -0.70
CA THR A 364 9.49 17.97 -1.68
C THR A 364 10.57 18.76 -0.96
N PRO A 365 11.80 18.77 -1.49
CA PRO A 365 12.90 19.49 -0.84
C PRO A 365 13.02 20.93 -1.30
N TYR A 366 13.60 21.74 -0.41
CA TYR A 366 13.94 23.13 -0.74
C TYR A 366 15.23 23.16 -1.54
N VAL A 367 15.31 24.08 -2.50
CA VAL A 367 16.48 24.19 -3.37
C VAL A 367 16.93 25.65 -3.45
N PHE A 368 18.18 25.82 -3.86
CA PHE A 368 18.75 27.12 -4.20
C PHE A 368 18.79 27.25 -5.72
N VAL A 369 18.17 28.31 -6.24
CA VAL A 369 18.14 28.58 -7.68
C VAL A 369 19.18 29.65 -7.99
N MET A 370 20.10 29.36 -8.90
CA MET A 370 21.16 30.30 -9.26
C MET A 370 21.37 30.32 -10.76
N GLN A 371 22.11 31.32 -11.22
CA GLN A 371 22.46 31.43 -12.63
C GLN A 371 23.35 30.27 -13.05
N LYS A 372 23.06 29.71 -14.22
CA LYS A 372 23.85 28.62 -14.79
C LYS A 372 24.89 29.21 -15.73
N ALA A 373 26.14 29.25 -15.28
CA ALA A 373 27.22 29.89 -16.01
C ALA A 373 28.44 28.96 -16.01
N PRO A 374 29.53 29.31 -16.71
CA PRO A 374 30.74 28.48 -16.57
C PRO A 374 31.29 28.43 -15.16
N ASP A 375 31.26 29.54 -14.43
CA ASP A 375 31.89 29.66 -13.11
C ASP A 375 30.93 29.38 -11.96
N SER A 376 29.98 28.47 -12.14
CA SER A 376 28.97 28.21 -11.13
C SER A 376 29.47 27.18 -10.12
N GLU A 377 29.35 27.51 -8.84
CA GLU A 377 29.69 26.61 -7.75
C GLU A 377 28.44 26.37 -6.91
N GLN A 378 28.24 25.11 -6.49
CA GLN A 378 27.03 24.72 -5.77
C GLN A 378 27.12 25.10 -4.29
N THR A 379 27.22 26.41 -4.06
CA THR A 379 27.39 26.92 -2.70
C THR A 379 26.97 28.38 -2.66
N LEU A 380 26.51 28.80 -1.48
CA LEU A 380 26.35 30.22 -1.22
C LEU A 380 27.69 30.81 -0.80
N LYS A 381 27.81 32.13 -0.96
CA LYS A 381 29.06 32.81 -0.66
C LYS A 381 28.81 34.03 0.21
N LYS A 382 29.86 34.43 0.91
CA LYS A 382 29.84 35.63 1.72
C LYS A 382 29.40 36.84 0.91
N GLY A 383 28.37 37.52 1.40
CA GLY A 383 27.85 38.73 0.81
C GLY A 383 26.95 38.53 -0.39
N MET A 384 26.27 37.40 -0.49
CA MET A 384 25.34 37.13 -1.58
C MET A 384 23.96 37.66 -1.22
N LYS A 385 23.17 37.96 -2.25
CA LYS A 385 21.77 38.36 -2.11
C LYS A 385 20.90 37.15 -2.48
N VAL A 386 20.27 36.55 -1.48
CA VAL A 386 19.43 35.38 -1.69
C VAL A 386 18.01 35.73 -1.25
N ALA A 387 17.05 35.54 -2.15
CA ALA A 387 15.66 35.81 -1.86
C ALA A 387 14.99 34.58 -1.27
N ILE A 388 13.99 34.80 -0.43
CA ILE A 388 13.25 33.73 0.21
C ILE A 388 11.85 34.23 0.54
N PRO A 389 10.79 33.53 0.11
CA PRO A 389 9.43 34.02 0.36
C PRO A 389 9.13 34.07 1.86
N TYR A 390 8.35 35.08 2.25
CA TYR A 390 8.06 35.27 3.67
C TYR A 390 7.25 34.12 4.25
N TYR A 391 6.46 33.43 3.42
CA TYR A 391 5.64 32.35 3.95
C TYR A 391 6.41 31.04 4.11
N TYR A 392 7.61 30.94 3.56
CA TYR A 392 8.55 29.92 4.00
C TYR A 392 9.21 30.43 5.28
N GLU A 393 8.84 29.88 6.45
CA GLU A 393 9.55 30.23 7.67
C GLU A 393 10.82 29.39 7.79
N LEU A 394 11.66 29.53 6.76
CA LEU A 394 13.04 29.09 6.81
C LEU A 394 13.99 30.23 7.10
N HIS A 395 13.48 31.46 7.16
CA HIS A 395 14.34 32.64 7.25
C HIS A 395 15.20 32.60 8.51
N SER A 396 14.63 32.12 9.62
CA SER A 396 15.40 32.09 10.87
C SER A 396 16.51 31.05 10.81
N GLN A 397 16.25 29.88 10.23
CA GLN A 397 17.25 28.82 10.24
C GLN A 397 18.38 29.10 9.24
N LEU A 398 18.05 29.69 8.08
CA LEU A 398 19.09 30.04 7.12
C LEU A 398 19.90 31.24 7.60
N LYS A 399 19.30 32.12 8.40
CA LYS A 399 20.02 33.24 8.97
C LYS A 399 21.16 32.78 9.87
N GLU A 400 20.99 31.63 10.53
CA GLU A 400 22.01 31.09 11.41
C GLU A 400 23.01 30.21 10.67
N MET A 401 22.53 29.47 9.66
CA MET A 401 23.45 28.72 8.82
C MET A 401 24.27 29.64 7.93
N TYR A 402 23.70 30.78 7.53
CA TYR A 402 24.38 31.74 6.67
C TYR A 402 24.14 33.16 7.17
N PRO A 403 24.73 33.52 8.32
CA PRO A 403 24.75 34.96 8.70
C PRO A 403 25.58 35.78 7.75
N GLU A 404 26.39 35.13 6.90
CA GLU A 404 27.19 35.81 5.89
C GLU A 404 26.35 36.40 4.77
N VAL A 405 25.11 35.94 4.61
CA VAL A 405 24.30 36.22 3.43
C VAL A 405 23.30 37.32 3.76
N GLU A 406 23.07 38.22 2.81
CA GLU A 406 21.99 39.19 2.91
C GLU A 406 20.70 38.49 2.45
N TRP A 407 19.81 38.21 3.39
CA TRP A 407 18.59 37.48 3.11
C TRP A 407 17.44 38.46 2.90
N ILE A 408 16.73 38.30 1.79
CA ILE A 408 15.72 39.25 1.34
C ILE A 408 14.38 38.53 1.30
N GLN A 409 13.49 38.88 2.21
CA GLN A 409 12.11 38.38 2.13
C GLN A 409 11.41 39.01 0.94
N VAL A 410 10.58 38.23 0.26
CA VAL A 410 9.94 38.67 -0.98
C VAL A 410 8.46 38.32 -0.91
N ASP A 411 7.63 39.22 -1.47
CA ASP A 411 6.20 38.96 -1.56
C ASP A 411 5.89 37.91 -2.61
N ASN A 412 6.52 38.03 -3.78
CA ASN A 412 6.20 37.24 -4.96
C ASN A 412 7.36 36.30 -5.25
N ALA A 413 7.17 35.01 -4.99
CA ALA A 413 8.23 34.04 -5.16
C ALA A 413 8.55 33.83 -6.65
N SER A 414 7.53 33.61 -7.46
CA SER A 414 7.74 33.31 -8.88
C SER A 414 8.40 34.47 -9.61
N ALA A 415 8.12 35.71 -9.18
CA ALA A 415 8.71 36.87 -9.85
C ALA A 415 10.19 37.05 -9.52
N ALA A 416 10.69 36.38 -8.48
CA ALA A 416 12.10 36.49 -8.13
C ALA A 416 13.00 35.64 -9.01
N PHE A 417 12.44 34.71 -9.79
CA PHE A 417 13.26 33.95 -10.73
C PHE A 417 13.87 34.86 -11.77
N HIS A 418 13.09 35.80 -12.31
CA HIS A 418 13.60 36.74 -13.30
C HIS A 418 14.74 37.59 -12.73
N LYS A 419 14.61 38.00 -11.47
CA LYS A 419 15.67 38.78 -10.84
C LYS A 419 16.96 37.98 -10.73
N VAL A 420 16.87 36.66 -10.57
CA VAL A 420 18.07 35.83 -10.57
C VAL A 420 18.63 35.71 -11.98
N LYS A 421 17.76 35.60 -12.99
CA LYS A 421 18.22 35.47 -14.37
C LYS A 421 18.96 36.72 -14.83
N GLU A 422 18.52 37.90 -14.37
CA GLU A 422 19.19 39.14 -14.73
C GLU A 422 20.43 39.42 -13.89
N GLY A 423 20.70 38.60 -12.87
CA GLY A 423 21.87 38.80 -12.04
C GLY A 423 21.70 39.74 -10.87
N GLU A 424 20.48 40.22 -10.62
CA GLU A 424 20.26 41.09 -9.47
C GLU A 424 20.32 40.30 -8.18
N LEU A 425 19.71 39.11 -8.16
CA LEU A 425 19.80 38.19 -7.03
C LEU A 425 20.82 37.11 -7.35
N ASP A 426 21.61 36.74 -6.35
CA ASP A 426 22.55 35.64 -6.52
C ASP A 426 21.86 34.28 -6.46
N ALA A 427 20.81 34.17 -5.66
CA ALA A 427 20.13 32.90 -5.49
C ALA A 427 18.69 33.16 -5.04
N LEU A 428 17.90 32.09 -5.02
CA LEU A 428 16.51 32.14 -4.62
C LEU A 428 16.14 30.80 -4.02
N VAL A 429 15.30 30.81 -2.99
CA VAL A 429 14.84 29.61 -2.32
C VAL A 429 13.50 29.20 -2.91
N ALA A 430 13.40 27.96 -3.36
CA ALA A 430 12.16 27.41 -3.90
C ALA A 430 12.16 25.91 -3.64
N THR A 431 11.07 25.26 -4.04
CA THR A 431 11.00 23.81 -3.95
C THR A 431 11.43 23.19 -5.29
N GLN A 432 11.83 21.92 -5.22
CA GLN A 432 12.48 21.25 -6.34
C GLN A 432 11.68 21.38 -7.63
N LEU A 433 10.42 20.95 -7.59
CA LEU A 433 9.62 20.91 -8.82
C LEU A 433 9.10 22.29 -9.20
N ASN A 434 8.94 23.18 -8.22
CA ASN A 434 8.61 24.57 -8.55
C ASN A 434 9.75 25.22 -9.31
N SER A 435 10.99 24.91 -8.95
CA SER A 435 12.14 25.42 -9.69
C SER A 435 12.23 24.77 -11.07
N ARG A 436 11.97 23.46 -11.16
CA ARG A 436 12.06 22.79 -12.45
C ARG A 436 11.07 23.36 -13.44
N TYR A 437 9.84 23.64 -13.00
CA TYR A 437 8.85 24.24 -13.88
C TYR A 437 9.32 25.62 -14.35
N MET A 438 9.64 26.50 -13.41
CA MET A 438 10.02 27.87 -13.77
C MET A 438 11.22 27.89 -14.71
N ILE A 439 12.17 26.97 -14.53
CA ILE A 439 13.34 26.95 -15.38
C ILE A 439 12.98 26.43 -16.78
N ASP A 440 12.26 25.32 -16.85
CA ASP A 440 11.99 24.70 -18.14
C ASP A 440 11.00 25.51 -18.97
N HIS A 441 10.05 26.18 -18.32
CA HIS A 441 9.01 26.91 -19.04
C HIS A 441 9.42 28.33 -19.41
N TYR A 442 10.24 28.98 -18.58
CA TYR A 442 10.49 30.41 -18.73
C TYR A 442 11.96 30.78 -18.88
N TYR A 443 12.88 29.99 -18.33
CA TYR A 443 14.29 30.35 -18.41
C TYR A 443 15.17 29.14 -18.74
N PRO A 444 14.88 28.41 -19.82
CA PRO A 444 15.61 27.15 -20.06
C PRO A 444 17.08 27.39 -20.32
N ASN A 445 17.91 26.54 -19.72
CA ASN A 445 19.37 26.58 -19.81
C ASN A 445 19.96 27.88 -19.28
N GLU A 446 19.17 28.69 -18.57
CA GLU A 446 19.67 29.91 -17.95
C GLU A 446 19.82 29.79 -16.44
N LEU A 447 19.09 28.88 -15.81
CA LEU A 447 19.17 28.68 -14.37
C LEU A 447 19.31 27.19 -14.06
N TYR A 448 19.82 26.90 -12.87
CA TYR A 448 19.85 25.56 -12.33
C TYR A 448 19.64 25.64 -10.82
N HIS A 449 19.50 24.49 -10.18
CA HIS A 449 19.32 24.47 -8.74
C HIS A 449 20.03 23.28 -8.12
N PHE A 450 20.24 23.37 -6.82
CA PHE A 450 20.78 22.30 -6.01
C PHE A 450 20.10 22.34 -4.65
N LEU A 451 20.14 21.22 -3.95
CA LEU A 451 19.45 21.12 -2.67
C LEU A 451 20.09 22.01 -1.63
N ILE A 452 19.28 22.51 -0.71
CA ILE A 452 19.75 23.25 0.45
C ILE A 452 20.17 22.23 1.50
N PRO A 453 21.42 22.26 1.96
CA PRO A 453 21.86 21.27 2.96
C PRO A 453 21.33 21.60 4.34
N GLY A 454 20.92 20.55 5.06
CA GLY A 454 20.50 20.68 6.45
C GLY A 454 19.23 21.48 6.67
N VAL A 455 18.17 21.14 5.94
CA VAL A 455 16.88 21.80 6.08
C VAL A 455 15.79 20.74 5.92
N PRO A 456 14.76 20.75 6.77
CA PRO A 456 13.70 19.73 6.65
C PRO A 456 12.93 19.88 5.34
N ASN A 457 12.27 18.80 4.96
CA ASN A 457 11.48 18.79 3.75
C ASN A 457 10.22 19.62 3.91
N ALA A 458 9.68 20.07 2.77
CA ALA A 458 8.37 20.68 2.73
C ALA A 458 7.31 19.61 2.53
N SER A 459 6.14 19.82 3.14
CA SER A 459 5.03 18.88 3.06
C SER A 459 3.80 19.64 2.57
N LEU A 460 3.44 19.43 1.30
CA LEU A 460 2.31 20.12 0.69
C LEU A 460 1.01 19.36 0.98
N SER A 461 -0.06 20.11 1.16
CA SER A 461 -1.42 19.58 1.29
C SER A 461 -2.38 20.77 1.26
N PHE A 462 -3.62 20.52 1.63
CA PHE A 462 -4.65 21.56 1.67
C PHE A 462 -4.78 22.12 3.08
N ALA A 463 -5.24 23.36 3.16
CA ALA A 463 -5.49 24.03 4.43
C ALA A 463 -6.91 24.55 4.44
N PHE A 464 -7.45 24.72 5.65
CA PHE A 464 -8.85 25.11 5.82
C PHE A 464 -8.96 26.18 6.89
N PRO A 465 -10.14 26.82 7.04
CA PRO A 465 -10.42 27.54 8.28
C PRO A 465 -10.40 26.58 9.46
N ARG A 466 -10.21 27.16 10.64
CA ARG A 466 -9.74 26.33 11.73
C ARG A 466 -10.86 25.69 12.54
N GLY A 467 -12.09 26.15 12.37
CA GLY A 467 -13.22 25.47 12.97
C GLY A 467 -13.92 24.55 11.98
N GLU A 468 -13.14 23.89 11.14
CA GLU A 468 -13.67 23.01 10.09
C GLU A 468 -13.11 21.59 10.24
N PRO A 469 -13.44 20.89 11.33
CA PRO A 469 -12.93 19.53 11.47
C PRO A 469 -13.50 18.56 10.46
N GLU A 470 -14.77 18.73 10.08
CA GLU A 470 -15.40 17.80 9.14
C GLU A 470 -14.75 17.86 7.76
N LEU A 471 -14.58 19.07 7.22
CA LEU A 471 -13.93 19.21 5.93
C LEU A 471 -12.50 18.70 5.96
N LYS A 472 -11.80 18.89 7.08
CA LYS A 472 -10.45 18.36 7.21
C LYS A 472 -10.46 16.84 7.20
N ASP A 473 -11.30 16.22 8.04
CA ASP A 473 -11.35 14.77 8.11
C ASP A 473 -11.85 14.15 6.82
N ILE A 474 -12.68 14.86 6.07
CA ILE A 474 -13.19 14.33 4.80
C ILE A 474 -12.11 14.38 3.73
N ILE A 475 -11.42 15.51 3.62
CA ILE A 475 -10.35 15.63 2.62
C ILE A 475 -9.22 14.65 2.93
N ASN A 476 -8.95 14.41 4.22
CA ASN A 476 -7.92 13.46 4.61
C ASN A 476 -8.24 12.05 4.10
N LYS A 477 -9.50 11.63 4.21
CA LYS A 477 -9.89 10.33 3.68
C LYS A 477 -9.76 10.30 2.17
N ALA A 478 -10.19 11.37 1.49
CA ALA A 478 -10.08 11.42 0.03
C ALA A 478 -8.62 11.40 -0.41
N LEU A 479 -7.76 12.16 0.28
CA LEU A 479 -6.35 12.19 -0.08
C LEU A 479 -5.70 10.82 0.12
N ASN A 480 -6.00 10.16 1.24
CA ASN A 480 -5.43 8.84 1.50
C ASN A 480 -5.87 7.80 0.48
N ALA A 481 -6.97 8.05 -0.23
CA ALA A 481 -7.50 7.09 -1.19
C ALA A 481 -6.91 7.25 -2.59
N ILE A 482 -6.10 8.27 -2.82
CA ILE A 482 -5.51 8.52 -4.14
C ILE A 482 -4.20 7.74 -4.22
N PRO A 483 -4.05 6.83 -5.17
CA PRO A 483 -2.79 6.10 -5.33
C PRO A 483 -1.64 7.05 -5.57
N PRO A 484 -0.49 6.81 -4.94
CA PRO A 484 0.65 7.71 -5.13
C PRO A 484 1.11 7.82 -6.57
N SER A 485 0.96 6.76 -7.36
CA SER A 485 1.33 6.82 -8.77
C SER A 485 0.45 7.77 -9.56
N GLU A 486 -0.79 8.02 -9.09
CA GLU A 486 -1.63 9.02 -9.74
C GLU A 486 -1.13 10.42 -9.44
N VAL A 487 -0.62 10.65 -8.23
CA VAL A 487 -0.01 11.94 -7.92
C VAL A 487 1.24 12.15 -8.74
N LEU A 488 2.00 11.08 -9.00
CA LEU A 488 3.19 11.20 -9.84
C LEU A 488 2.82 11.50 -11.29
N ARG A 489 1.79 10.81 -11.80
CA ARG A 489 1.36 11.06 -13.17
C ARG A 489 0.83 12.48 -13.34
N LEU A 490 0.12 12.99 -12.33
CA LEU A 490 -0.38 14.36 -12.39
C LEU A 490 0.76 15.37 -12.37
N THR A 491 1.82 15.08 -11.61
CA THR A 491 2.95 15.99 -11.57
C THR A 491 3.73 15.96 -12.88
N GLU A 492 3.85 14.77 -13.50
CA GLU A 492 4.41 14.69 -14.84
C GLU A 492 3.56 15.48 -15.82
N LYS A 493 2.24 15.35 -15.72
CA LYS A 493 1.33 16.02 -16.65
C LYS A 493 1.52 17.54 -16.62
N TRP A 494 1.64 18.11 -15.42
CA TRP A 494 1.62 19.57 -15.29
C TRP A 494 3.00 20.20 -15.42
N ILE A 495 4.07 19.41 -15.33
CA ILE A 495 5.39 19.95 -15.64
C ILE A 495 5.57 20.08 -17.15
N LYS A 496 4.92 19.21 -17.93
CA LYS A 496 5.02 19.23 -19.38
C LYS A 496 3.89 20.03 -20.04
N MET A 497 2.93 20.53 -19.27
CA MET A 497 1.76 21.17 -19.84
C MET A 497 2.12 22.49 -20.50
N PRO A 498 1.79 22.69 -21.78
CA PRO A 498 2.06 23.99 -22.42
C PRO A 498 1.17 25.08 -21.82
N ASN A 499 1.65 26.31 -21.94
CA ASN A 499 0.92 27.48 -21.50
C ASN A 499 0.33 28.23 -22.68
N VAL A 500 -0.74 28.98 -22.41
CA VAL A 500 -1.37 29.81 -23.43
C VAL A 500 -1.23 31.30 -23.14
N THR A 501 -0.89 31.68 -21.91
CA THR A 501 -0.69 33.08 -21.55
C THR A 501 0.55 33.19 -20.68
N ILE A 502 1.08 34.41 -20.60
CA ILE A 502 2.02 34.78 -19.56
C ILE A 502 1.37 35.89 -18.74
N ASP A 503 1.68 35.92 -17.45
CA ASP A 503 1.19 36.94 -16.54
C ASP A 503 2.36 37.82 -16.13
N THR A 504 2.27 39.12 -16.44
CA THR A 504 3.37 40.02 -16.16
C THR A 504 3.65 40.12 -14.67
N TRP A 505 2.61 40.02 -13.83
CA TRP A 505 2.81 40.19 -12.40
C TRP A 505 3.51 38.97 -11.78
N ASP A 506 3.14 37.76 -12.22
CA ASP A 506 3.77 36.57 -11.68
C ASP A 506 5.23 36.45 -12.08
N LEU A 507 5.66 37.17 -13.13
CA LEU A 507 7.01 37.03 -13.65
C LEU A 507 7.88 38.27 -13.44
N TYR A 508 7.29 39.44 -13.18
CA TYR A 508 8.07 40.67 -13.12
C TYR A 508 7.76 41.59 -11.95
N SER A 509 6.91 41.21 -11.00
CA SER A 509 6.47 42.16 -9.99
C SER A 509 7.65 42.78 -9.26
N GLU A 510 7.67 44.11 -9.19
CA GLU A 510 8.80 44.87 -8.66
C GLU A 510 10.10 44.53 -9.38
N ILE B 2 -17.17 -33.58 31.24
CA ILE B 2 -18.55 -33.26 30.84
C ILE B 2 -18.70 -33.44 29.32
N GLU B 3 -17.59 -33.47 28.59
CA GLU B 3 -17.61 -33.86 27.19
C GLU B 3 -16.26 -34.45 26.79
N TYR B 4 -16.30 -35.54 26.03
CA TYR B 4 -15.19 -36.47 25.87
C TYR B 4 -14.87 -36.66 24.39
N ARG B 5 -13.60 -36.82 24.05
CA ARG B 5 -13.16 -36.77 22.65
C ARG B 5 -11.97 -37.69 22.42
N GLY B 6 -11.28 -37.48 21.28
CA GLY B 6 -10.01 -38.10 20.93
C GLY B 6 -9.06 -37.07 20.33
N ILE B 7 -7.91 -37.50 19.80
CA ILE B 7 -6.88 -36.59 19.33
C ILE B 7 -6.61 -36.83 17.85
N SER B 8 -6.60 -35.75 17.07
CA SER B 8 -6.22 -35.78 15.66
C SER B 8 -5.02 -34.87 15.44
N SER B 9 -4.07 -35.33 14.63
CA SER B 9 -2.86 -34.57 14.36
C SER B 9 -2.08 -35.23 13.22
N ASN B 10 -1.23 -34.45 12.59
CA ASN B 10 -0.26 -34.95 11.61
C ASN B 10 1.09 -35.00 12.32
N ASN B 11 1.58 -36.22 12.59
CA ASN B 11 2.76 -36.42 13.43
C ASN B 11 4.05 -36.01 12.71
N ARG B 12 4.03 -34.89 12.00
CA ARG B 12 5.20 -34.48 11.23
C ARG B 12 6.36 -34.12 12.13
N VAL B 13 6.09 -33.63 13.35
CA VAL B 13 7.13 -33.28 14.31
C VAL B 13 7.25 -34.42 15.31
N THR B 14 8.45 -34.98 15.42
CA THR B 14 8.79 -35.95 16.45
C THR B 14 9.77 -35.32 17.42
N LEU B 15 9.58 -35.60 18.70
CA LEU B 15 10.36 -34.99 19.77
C LEU B 15 11.47 -35.93 20.23
N ASP B 16 12.58 -35.33 20.68
CA ASP B 16 13.65 -36.12 21.25
C ASP B 16 13.16 -36.81 22.52
N PRO B 17 13.69 -38.00 22.83
CA PRO B 17 13.27 -38.69 24.07
C PRO B 17 13.55 -37.83 25.29
N LEU B 18 12.62 -37.89 26.25
CA LEU B 18 12.72 -37.09 27.46
C LEU B 18 13.61 -37.77 28.49
N ARG B 19 14.49 -36.98 29.10
CA ARG B 19 15.34 -37.47 30.19
C ARG B 19 14.47 -37.53 31.45
N LEU B 20 13.98 -38.72 31.77
CA LEU B 20 13.04 -38.93 32.85
C LEU B 20 13.68 -39.75 33.95
N SER B 21 13.48 -39.31 35.20
CA SER B 21 13.96 -40.07 36.35
C SER B 21 13.27 -41.43 36.41
N ASN B 22 13.96 -42.39 37.02
CA ASN B 22 13.37 -43.72 37.19
C ASN B 22 12.15 -43.66 38.11
N LYS B 23 12.22 -42.84 39.15
CA LYS B 23 11.06 -42.59 39.99
C LYS B 23 9.88 -42.06 39.18
N GLU B 24 10.16 -41.22 38.19
CA GLU B 24 9.09 -40.62 37.39
C GLU B 24 8.49 -41.62 36.41
N LEU B 25 9.30 -42.53 35.86
CA LEU B 25 8.77 -43.53 34.94
C LEU B 25 7.85 -44.51 35.64
N ARG B 26 8.11 -44.79 36.92
CA ARG B 26 7.21 -45.65 37.68
C ARG B 26 5.90 -44.93 37.99
N TRP B 27 5.95 -43.62 38.23
CA TRP B 27 4.73 -42.86 38.44
C TRP B 27 3.89 -42.81 37.16
N LEU B 28 4.54 -42.61 36.02
CA LEU B 28 3.82 -42.60 34.75
C LEU B 28 3.24 -43.97 34.43
N ALA B 29 3.95 -45.04 34.80
CA ALA B 29 3.44 -46.38 34.55
C ALA B 29 2.24 -46.68 35.44
N SER B 30 2.25 -46.18 36.67
CA SER B 30 1.15 -46.45 37.60
C SER B 30 -0.04 -45.51 37.37
N LYS B 31 0.22 -44.30 36.88
CA LYS B 31 -0.88 -43.38 36.56
C LYS B 31 -1.62 -43.84 35.32
N LYS B 32 -0.89 -44.21 34.26
CA LYS B 32 -1.41 -44.85 33.07
C LYS B 32 -2.31 -43.95 32.22
N ASN B 33 -2.84 -42.88 32.80
CA ASN B 33 -3.78 -42.03 32.07
C ASN B 33 -3.91 -40.69 32.78
N LEU B 34 -4.08 -39.63 31.98
CA LEU B 34 -4.17 -38.27 32.50
C LEU B 34 -5.46 -37.63 31.99
N VAL B 35 -6.29 -37.13 32.90
CA VAL B 35 -7.52 -36.44 32.55
C VAL B 35 -7.19 -34.96 32.42
N ILE B 36 -7.34 -34.42 31.21
CA ILE B 36 -6.98 -33.04 30.89
C ILE B 36 -8.24 -32.31 30.45
N ALA B 37 -8.53 -31.20 31.12
CA ALA B 37 -9.65 -30.35 30.72
C ALA B 37 -9.18 -29.37 29.66
N VAL B 38 -9.87 -29.36 28.52
CA VAL B 38 -9.56 -28.43 27.43
C VAL B 38 -10.79 -27.62 27.11
N HIS B 39 -10.70 -26.75 26.10
CA HIS B 39 -11.82 -25.93 25.69
C HIS B 39 -11.61 -25.50 24.25
N LYS B 40 -12.72 -25.26 23.55
CA LYS B 40 -12.68 -24.85 22.15
C LYS B 40 -12.46 -23.34 22.07
N SER B 41 -11.38 -22.94 21.42
CA SER B 41 -11.14 -21.53 21.16
C SER B 41 -12.22 -20.99 20.21
N GLN B 42 -12.39 -19.66 20.23
CA GLN B 42 -13.38 -19.06 19.35
C GLN B 42 -12.97 -19.17 17.88
N THR B 43 -11.67 -19.23 17.61
CA THR B 43 -11.16 -19.50 16.27
C THR B 43 -10.66 -20.94 16.20
N ALA B 44 -10.53 -21.44 14.96
CA ALA B 44 -10.12 -22.82 14.76
C ALA B 44 -8.63 -23.04 15.04
N THR B 45 -7.87 -21.97 15.27
CA THR B 45 -6.41 -22.09 15.31
C THR B 45 -5.94 -22.95 16.48
N LEU B 46 -6.45 -22.68 17.68
CA LEU B 46 -5.96 -23.37 18.86
C LEU B 46 -6.63 -24.73 19.05
N LEU B 47 -7.95 -24.74 19.11
CA LEU B 47 -8.69 -25.97 19.44
C LEU B 47 -10.01 -25.99 18.70
N HIS B 48 -10.22 -27.00 17.86
CA HIS B 48 -11.52 -27.30 17.27
C HIS B 48 -11.64 -28.82 17.16
N THR B 49 -12.78 -29.27 16.66
CA THR B 49 -13.06 -30.70 16.51
C THR B 49 -13.40 -31.01 15.05
N ASP B 50 -13.38 -32.31 14.73
CA ASP B 50 -13.62 -32.72 13.36
C ASP B 50 -14.74 -33.76 13.24
N SER B 51 -14.64 -34.60 12.20
CA SER B 51 -15.67 -35.58 11.90
C SER B 51 -15.90 -36.54 13.06
N GLN B 52 -14.83 -37.17 13.54
CA GLN B 52 -14.93 -38.20 14.55
C GLN B 52 -14.93 -37.65 15.98
N GLN B 53 -15.23 -36.36 16.14
CA GLN B 53 -15.20 -35.69 17.44
C GLN B 53 -13.82 -35.75 18.08
N ARG B 54 -12.77 -35.68 17.26
CA ARG B 54 -11.40 -35.71 17.75
C ARG B 54 -10.84 -34.29 17.80
N VAL B 55 -10.01 -34.05 18.82
CA VAL B 55 -9.41 -32.73 19.03
C VAL B 55 -8.45 -32.41 17.91
N ARG B 56 -8.47 -31.16 17.45
CA ARG B 56 -7.55 -30.72 16.40
C ARG B 56 -7.24 -29.24 16.57
N GLY B 57 -6.04 -28.86 16.14
CA GLY B 57 -5.54 -27.50 16.20
C GLY B 57 -4.10 -27.46 16.69
N ILE B 58 -3.64 -26.26 17.06
CA ILE B 58 -2.29 -26.12 17.58
C ILE B 58 -2.18 -26.81 18.94
N ASN B 59 -3.15 -26.58 19.83
CA ASN B 59 -3.15 -27.26 21.12
C ASN B 59 -3.20 -28.76 20.94
N ALA B 60 -3.84 -29.25 19.88
CA ALA B 60 -3.90 -30.68 19.62
C ALA B 60 -2.53 -31.25 19.29
N ASP B 61 -1.76 -30.55 18.45
CA ASP B 61 -0.45 -31.04 18.07
C ASP B 61 0.48 -31.14 19.27
N TYR B 62 0.36 -30.21 20.23
CA TYR B 62 1.17 -30.27 21.43
C TYR B 62 0.69 -31.38 22.38
N LEU B 63 -0.62 -31.57 22.47
CA LEU B 63 -1.14 -32.68 23.27
C LEU B 63 -0.71 -34.02 22.69
N ASN B 64 -0.61 -34.12 21.37
CA ASN B 64 -0.11 -35.34 20.74
C ASN B 64 1.35 -35.57 21.10
N LEU B 65 2.17 -34.52 21.08
CA LEU B 65 3.56 -34.65 21.49
C LEU B 65 3.67 -35.05 22.96
N LEU B 66 2.81 -34.47 23.81
CA LEU B 66 2.84 -34.79 25.24
C LEU B 66 2.51 -36.27 25.47
N LYS B 67 1.50 -36.78 24.75
CA LYS B 67 1.13 -38.19 24.91
C LYS B 67 2.30 -39.11 24.57
N ARG B 68 3.09 -38.74 23.56
CA ARG B 68 4.23 -39.54 23.15
C ARG B 68 5.50 -39.25 23.95
N ALA B 69 5.62 -38.04 24.50
CA ALA B 69 6.78 -37.73 25.32
C ALA B 69 6.74 -38.48 26.65
N LEU B 70 5.56 -38.56 27.26
CA LEU B 70 5.41 -39.22 28.55
C LEU B 70 4.95 -40.67 28.43
N ASN B 71 4.56 -41.11 27.24
CA ASN B 71 4.10 -42.48 27.00
C ASN B 71 2.97 -42.84 27.96
N ILE B 72 1.90 -42.05 27.90
CA ILE B 72 0.75 -42.19 28.78
C ILE B 72 -0.51 -41.96 27.97
N LYS B 73 -1.64 -42.41 28.52
CA LYS B 73 -2.93 -42.20 27.88
C LYS B 73 -3.51 -40.85 28.28
N LEU B 74 -4.36 -40.32 27.42
CA LEU B 74 -4.90 -38.97 27.58
C LEU B 74 -6.39 -38.97 27.29
N THR B 75 -7.19 -38.49 28.23
CA THR B 75 -8.61 -38.24 28.03
C THR B 75 -8.86 -36.75 28.19
N LEU B 76 -9.53 -36.16 27.20
CA LEU B 76 -9.74 -34.72 27.14
C LEU B 76 -11.21 -34.41 27.37
N ARG B 77 -11.48 -33.43 28.23
CA ARG B 77 -12.84 -33.09 28.62
C ARG B 77 -13.06 -31.59 28.53
N GLU B 78 -14.24 -31.21 28.05
CA GLU B 78 -14.64 -29.80 27.95
C GLU B 78 -15.73 -29.53 28.99
N TYR B 79 -15.39 -28.76 30.01
CA TYR B 79 -16.37 -28.32 30.99
C TYR B 79 -17.09 -27.07 30.46
N ALA B 80 -18.17 -26.70 31.15
CA ALA B 80 -19.03 -25.61 30.70
C ALA B 80 -18.26 -24.30 30.55
N ASP B 81 -17.84 -23.72 31.67
CA ASP B 81 -17.04 -22.51 31.68
C ASP B 81 -15.65 -22.84 32.25
N HIS B 82 -14.79 -21.82 32.30
CA HIS B 82 -13.45 -22.03 32.82
C HIS B 82 -13.45 -22.29 34.32
N GLN B 83 -14.46 -21.77 35.04
CA GLN B 83 -14.48 -21.95 36.48
C GLN B 83 -14.85 -23.36 36.89
N LYS B 84 -15.62 -24.07 36.06
CA LYS B 84 -15.97 -25.44 36.38
C LYS B 84 -14.79 -26.38 36.15
N ALA B 85 -13.96 -26.09 35.14
CA ALA B 85 -12.74 -26.88 34.95
C ALA B 85 -11.77 -26.69 36.10
N MET B 86 -11.62 -25.45 36.57
CA MET B 86 -10.76 -25.19 37.73
C MET B 86 -11.32 -25.85 38.98
N ASP B 87 -12.64 -25.86 39.13
CA ASP B 87 -13.26 -26.56 40.25
C ASP B 87 -12.97 -28.05 40.19
N ALA B 88 -13.10 -28.65 39.00
CA ALA B 88 -12.83 -30.07 38.85
C ALA B 88 -11.36 -30.39 39.14
N LEU B 89 -10.46 -29.44 38.87
CA LEU B 89 -9.06 -29.67 39.18
C LEU B 89 -8.81 -29.67 40.68
N ALA B 90 -9.65 -28.98 41.45
CA ALA B 90 -9.50 -28.95 42.90
C ALA B 90 -9.81 -30.33 43.50
N GLU B 91 -11.01 -30.85 43.22
CA GLU B 91 -11.44 -32.11 43.81
C GLU B 91 -10.67 -33.32 43.29
N GLY B 92 -9.85 -33.15 42.25
CA GLY B 92 -9.10 -34.25 41.69
C GLY B 92 -9.77 -34.97 40.55
N GLU B 93 -10.88 -34.43 40.03
CA GLU B 93 -11.58 -35.07 38.92
C GLU B 93 -10.75 -35.03 37.64
N VAL B 94 -9.97 -33.97 37.45
CA VAL B 94 -9.02 -33.88 36.34
C VAL B 94 -7.62 -33.70 36.92
N ASP B 95 -6.63 -34.08 36.13
CA ASP B 95 -5.23 -33.88 36.51
C ASP B 95 -4.69 -32.54 36.03
N ILE B 96 -5.06 -32.14 34.82
CA ILE B 96 -4.52 -30.93 34.20
C ILE B 96 -5.67 -30.14 33.58
N VAL B 97 -5.51 -28.82 33.57
CA VAL B 97 -6.39 -27.92 32.85
C VAL B 97 -5.53 -27.11 31.88
N LEU B 98 -5.79 -27.24 30.59
CA LEU B 98 -5.09 -26.46 29.57
C LEU B 98 -5.77 -25.11 29.46
N SER B 99 -5.08 -24.06 29.88
CA SER B 99 -5.68 -22.74 30.01
C SER B 99 -5.97 -22.11 28.65
N HIS B 100 -6.87 -21.13 28.66
CA HIS B 100 -7.03 -20.24 27.53
C HIS B 100 -5.84 -19.29 27.45
N LEU B 101 -5.82 -18.47 26.41
CA LEU B 101 -4.77 -17.47 26.28
C LEU B 101 -4.92 -16.41 27.35
N VAL B 102 -3.87 -16.24 28.15
CA VAL B 102 -3.88 -15.31 29.27
C VAL B 102 -2.55 -14.56 29.32
N THR B 103 -2.58 -13.36 29.88
CA THR B 103 -1.36 -12.58 30.05
C THR B 103 -0.57 -12.99 31.29
N SER B 104 -1.16 -13.78 32.17
CA SER B 104 -0.54 -14.21 33.42
C SER B 104 -1.16 -15.53 33.84
N PRO B 105 -0.41 -16.38 34.54
CA PRO B 105 -1.03 -17.56 35.15
C PRO B 105 -1.84 -17.16 36.36
N PRO B 106 -2.90 -17.90 36.69
CA PRO B 106 -3.79 -17.49 37.79
C PRO B 106 -3.06 -17.37 39.12
N LEU B 107 -3.45 -16.34 39.88
CA LEU B 107 -2.80 -16.02 41.15
C LEU B 107 -2.91 -17.14 42.17
N ASN B 108 -3.95 -17.97 42.08
CA ASN B 108 -4.26 -18.99 43.09
C ASN B 108 -3.02 -19.77 43.52
N ASN B 109 -2.82 -19.88 44.83
CA ASN B 109 -1.58 -20.43 45.38
C ASN B 109 -1.64 -21.95 45.65
N ASP B 110 -2.64 -22.62 45.11
CA ASP B 110 -2.76 -24.06 44.96
C ASP B 110 -2.34 -24.51 43.59
N ILE B 111 -2.57 -23.65 42.63
CA ILE B 111 -2.54 -23.97 41.22
C ILE B 111 -1.11 -23.77 40.77
N ALA B 112 -0.52 -24.81 40.26
CA ALA B 112 0.81 -24.73 39.73
C ALA B 112 0.70 -24.66 38.22
N ALA B 113 1.49 -23.78 37.62
CA ALA B 113 1.56 -23.63 36.18
C ALA B 113 2.95 -24.01 35.70
N THR B 114 3.00 -24.69 34.56
CA THR B 114 4.28 -24.97 33.93
C THR B 114 4.84 -23.69 33.33
N LYS B 115 6.01 -23.81 32.71
CA LYS B 115 6.45 -22.77 31.80
C LYS B 115 5.43 -22.66 30.67
N PRO B 116 5.34 -21.49 30.02
CA PRO B 116 4.32 -21.32 28.98
C PRO B 116 4.42 -22.38 27.90
N LEU B 117 3.26 -22.90 27.50
CA LEU B 117 3.22 -23.80 26.35
C LEU B 117 3.24 -22.95 25.08
N ILE B 118 2.11 -22.37 24.72
CA ILE B 118 2.05 -21.43 23.61
C ILE B 118 2.50 -20.06 24.09
N ILE B 119 3.34 -19.41 23.29
CA ILE B 119 3.80 -18.05 23.56
C ILE B 119 3.51 -17.20 22.34
N THR B 120 2.85 -16.06 22.54
CA THR B 120 2.45 -15.23 21.41
C THR B 120 2.54 -13.76 21.81
N PHE B 121 2.65 -12.91 20.79
CA PHE B 121 2.96 -11.50 20.94
C PHE B 121 1.85 -10.63 20.37
N PRO B 122 1.71 -9.39 20.86
CA PRO B 122 0.76 -8.47 20.23
C PRO B 122 1.22 -8.11 18.82
N ALA B 123 0.24 -7.88 17.94
CA ALA B 123 0.50 -7.52 16.56
C ALA B 123 -0.42 -6.38 16.15
N LEU B 124 0.15 -5.36 15.51
CA LEU B 124 -0.63 -4.28 14.93
C LEU B 124 -0.91 -4.60 13.47
N VAL B 125 -2.17 -4.44 13.07
CA VAL B 125 -2.64 -4.86 11.75
C VAL B 125 -3.32 -3.68 11.06
N THR B 126 -3.10 -3.56 9.75
CA THR B 126 -3.78 -2.55 8.94
C THR B 126 -3.95 -3.10 7.53
N THR B 127 -4.59 -2.32 6.68
CA THR B 127 -4.76 -2.70 5.29
C THR B 127 -3.42 -2.59 4.55
N LEU B 128 -3.29 -3.38 3.47
CA LEU B 128 -2.03 -3.41 2.72
C LEU B 128 -1.68 -2.03 2.18
N HIS B 129 -2.66 -1.34 1.61
CA HIS B 129 -2.40 -0.06 0.96
C HIS B 129 -2.18 1.09 1.96
N ASP B 130 -2.37 0.85 3.25
CA ASP B 130 -2.09 1.84 4.28
C ASP B 130 -0.90 1.46 5.15
N SER B 131 -0.20 0.37 4.79
CA SER B 131 0.85 -0.17 5.65
C SER B 131 2.03 0.78 5.80
N MET B 132 2.18 1.76 4.90
CA MET B 132 3.28 2.71 4.99
C MET B 132 2.94 3.93 5.83
N ARG B 133 1.71 4.03 6.33
CA ARG B 133 1.41 5.00 7.36
C ARG B 133 2.22 4.67 8.61
N PRO B 134 2.50 5.67 9.46
CA PRO B 134 3.37 5.41 10.61
C PRO B 134 2.70 4.48 11.62
N LEU B 135 3.54 3.78 12.37
CA LEU B 135 3.07 2.83 13.39
C LEU B 135 2.73 3.52 14.71
N THR B 136 2.99 4.81 14.83
CA THR B 136 2.52 5.63 15.95
C THR B 136 1.99 6.94 15.38
N SER B 137 1.10 7.58 16.13
CA SER B 137 0.58 8.87 15.69
C SER B 137 -0.13 9.62 16.81
N PRO B 138 0.19 10.90 17.00
CA PRO B 138 -0.58 11.71 17.97
C PRO B 138 -1.95 12.10 17.45
N LYS B 139 -2.26 11.80 16.19
CA LYS B 139 -3.53 12.13 15.55
C LYS B 139 -4.61 11.15 15.98
N PRO B 140 -5.88 11.56 15.93
CA PRO B 140 -6.96 10.64 16.29
C PRO B 140 -7.04 9.47 15.33
N VAL B 141 -7.24 8.27 15.90
CA VAL B 141 -7.30 7.03 15.14
C VAL B 141 -8.36 6.13 15.75
N ASN B 142 -8.83 5.18 14.97
CA ASN B 142 -9.78 4.17 15.42
C ASN B 142 -9.09 2.82 15.46
N ILE B 143 -8.96 2.25 16.65
CA ILE B 143 -8.27 0.99 16.87
C ILE B 143 -9.28 -0.07 17.26
N ALA B 144 -9.26 -1.20 16.55
CA ALA B 144 -10.09 -2.35 16.88
C ALA B 144 -9.29 -3.36 17.68
N ARG B 145 -9.99 -4.06 18.57
CA ARG B 145 -9.37 -5.09 19.40
C ARG B 145 -10.45 -6.04 19.87
N VAL B 146 -10.03 -7.18 20.40
CA VAL B 146 -10.93 -8.16 20.98
C VAL B 146 -10.94 -7.99 22.48
N ALA B 147 -12.13 -7.77 23.05
CA ALA B 147 -12.34 -7.71 24.50
C ALA B 147 -11.45 -6.62 25.07
N ASN B 148 -10.56 -6.91 26.02
CA ASN B 148 -9.73 -5.90 26.67
C ASN B 148 -8.24 -6.21 26.52
N TYR B 149 -7.85 -6.83 25.40
CA TYR B 149 -6.45 -7.12 25.14
C TYR B 149 -6.03 -6.47 23.83
N PRO B 150 -4.98 -5.63 23.83
CA PRO B 150 -4.20 -5.24 25.01
C PRO B 150 -4.88 -4.11 25.78
N PRO B 151 -4.41 -3.82 26.99
CA PRO B 151 -5.03 -2.74 27.77
C PRO B 151 -4.89 -1.39 27.08
N ASP B 152 -5.72 -0.44 27.53
CA ASP B 152 -5.73 0.88 26.91
C ASP B 152 -4.40 1.58 27.06
N GLU B 153 -3.73 1.40 28.21
CA GLU B 153 -2.47 2.08 28.45
C GLU B 153 -1.39 1.65 27.47
N VAL B 154 -1.47 0.40 26.97
CA VAL B 154 -0.50 -0.05 25.96
C VAL B 154 -0.83 0.58 24.62
N ILE B 155 -2.10 0.55 24.21
CA ILE B 155 -2.51 1.13 22.94
C ILE B 155 -2.20 2.63 22.92
N HIS B 156 -2.40 3.30 24.06
CA HIS B 156 -2.15 4.73 24.13
C HIS B 156 -0.67 5.07 24.09
N GLN B 157 0.22 4.09 24.34
CA GLN B 157 1.64 4.34 24.19
C GLN B 157 1.99 4.66 22.74
N SER B 158 1.31 4.02 21.79
CA SER B 158 1.51 4.27 20.37
C SER B 158 0.53 5.30 19.82
N PHE B 159 -0.70 5.33 20.33
CA PHE B 159 -1.76 6.21 19.82
C PHE B 159 -2.48 6.86 20.99
N PRO B 160 -1.95 7.98 21.49
CA PRO B 160 -2.56 8.61 22.67
C PRO B 160 -3.96 9.16 22.42
N LYS B 161 -4.31 9.49 21.18
CA LYS B 161 -5.63 10.04 20.85
C LYS B 161 -6.48 9.00 20.12
N ALA B 162 -6.35 7.74 20.51
CA ALA B 162 -7.02 6.65 19.81
C ALA B 162 -8.38 6.34 20.45
N THR B 163 -9.37 6.11 19.59
CA THR B 163 -10.64 5.53 20.02
C THR B 163 -10.55 4.02 19.86
N ILE B 164 -10.74 3.30 20.95
CA ILE B 164 -10.60 1.84 20.97
C ILE B 164 -11.98 1.22 20.97
N ILE B 165 -12.30 0.51 19.89
CA ILE B 165 -13.55 -0.24 19.77
C ILE B 165 -13.22 -1.70 20.08
N SER B 166 -13.89 -2.25 21.09
CA SER B 166 -13.63 -3.60 21.58
C SER B 166 -14.70 -4.55 21.05
N PHE B 167 -14.27 -5.54 20.26
CA PHE B 167 -15.15 -6.54 19.69
C PHE B 167 -15.17 -7.79 20.55
N THR B 168 -16.29 -8.51 20.49
CA THR B 168 -16.35 -9.83 21.11
C THR B 168 -15.68 -10.89 20.25
N ASN B 169 -15.70 -10.70 18.94
CA ASN B 169 -15.31 -11.72 17.98
C ASN B 169 -14.14 -11.20 17.15
N LEU B 170 -13.12 -12.04 16.97
CA LEU B 170 -11.93 -11.60 16.25
C LEU B 170 -12.23 -11.35 14.78
N TYR B 171 -13.08 -12.18 14.17
CA TYR B 171 -13.38 -12.03 12.76
C TYR B 171 -13.98 -10.65 12.47
N GLN B 172 -14.99 -10.25 13.25
CA GLN B 172 -15.63 -8.97 13.02
C GLN B 172 -14.66 -7.82 13.21
N ALA B 173 -13.73 -7.95 14.16
CA ALA B 173 -12.74 -6.91 14.39
C ALA B 173 -11.84 -6.71 13.18
N LEU B 174 -11.28 -7.81 12.66
CA LEU B 174 -10.45 -7.72 11.46
C LEU B 174 -11.26 -7.26 10.26
N ALA B 175 -12.53 -7.67 10.19
CA ALA B 175 -13.39 -7.24 9.08
C ALA B 175 -13.60 -5.73 9.09
N SER B 176 -13.71 -5.15 10.29
CA SER B 176 -13.93 -3.71 10.40
C SER B 176 -12.74 -2.91 9.87
N VAL B 177 -11.52 -3.44 10.03
CA VAL B 177 -10.35 -2.78 9.48
C VAL B 177 -10.29 -2.97 7.97
N SER B 178 -10.66 -4.15 7.49
CA SER B 178 -10.61 -4.42 6.05
C SER B 178 -11.65 -3.59 5.30
N ALA B 179 -12.82 -3.37 5.90
CA ALA B 179 -13.87 -2.59 5.26
C ALA B 179 -13.61 -1.09 5.35
N GLY B 180 -12.65 -0.65 6.17
CA GLY B 180 -12.30 0.75 6.26
C GLY B 180 -12.94 1.50 7.40
N HIS B 181 -13.68 0.83 8.28
CA HIS B 181 -14.30 1.52 9.40
C HIS B 181 -13.26 1.88 10.46
N ASN B 182 -12.35 0.96 10.77
CA ASN B 182 -11.31 1.17 11.75
C ASN B 182 -9.95 1.22 11.08
N ASP B 183 -9.05 2.03 11.65
CA ASP B 183 -7.76 2.28 11.02
C ASP B 183 -6.77 1.16 11.28
N TYR B 184 -6.79 0.57 12.48
CA TYR B 184 -5.86 -0.49 12.83
C TYR B 184 -6.57 -1.54 13.67
N PHE B 185 -5.96 -2.72 13.73
CA PHE B 185 -6.29 -3.74 14.71
C PHE B 185 -5.04 -4.12 15.48
N ILE B 186 -5.22 -4.48 16.75
CA ILE B 186 -4.12 -4.97 17.57
C ILE B 186 -4.65 -6.12 18.43
N GLY B 187 -3.92 -7.23 18.42
CA GLY B 187 -4.36 -8.39 19.17
C GLY B 187 -3.33 -9.49 19.11
N SER B 188 -3.68 -10.62 19.75
CA SER B 188 -2.80 -11.77 19.82
C SER B 188 -2.42 -12.26 18.42
N ASN B 189 -1.10 -12.39 18.18
CA ASN B 189 -0.63 -12.62 16.82
C ASN B 189 -0.97 -14.02 16.34
N ILE B 190 -0.73 -15.04 17.17
CA ILE B 190 -0.96 -16.42 16.73
C ILE B 190 -2.42 -16.62 16.33
N ILE B 191 -3.32 -15.85 16.91
CA ILE B 191 -4.73 -15.89 16.50
C ILE B 191 -4.97 -14.96 15.31
N THR B 192 -4.38 -13.77 15.35
CA THR B 192 -4.65 -12.76 14.34
C THR B 192 -4.12 -13.17 12.97
N SER B 193 -2.83 -13.55 12.90
CA SER B 193 -2.25 -13.88 11.60
C SER B 193 -2.84 -15.16 11.04
N SER B 194 -3.22 -16.11 11.89
CA SER B 194 -3.86 -17.34 11.41
C SER B 194 -5.19 -17.03 10.72
N MET B 195 -5.95 -16.08 11.25
CA MET B 195 -7.21 -15.70 10.61
C MET B 195 -7.00 -14.84 9.37
N ILE B 196 -5.94 -14.02 9.36
CA ILE B 196 -5.62 -13.28 8.15
C ILE B 196 -5.23 -14.23 7.03
N SER B 197 -4.49 -15.28 7.36
CA SER B 197 -4.16 -16.30 6.36
C SER B 197 -5.42 -16.95 5.78
N ARG B 198 -6.47 -17.08 6.60
CA ARG B 198 -7.65 -17.82 6.18
C ARG B 198 -8.61 -16.97 5.37
N TYR B 199 -8.77 -15.69 5.73
CA TYR B 199 -9.83 -14.86 5.15
C TYR B 199 -9.39 -13.49 4.67
N PHE B 200 -8.27 -12.94 5.16
CA PHE B 200 -7.88 -11.57 4.82
C PHE B 200 -6.47 -11.50 4.24
N THR B 201 -6.07 -12.53 3.48
CA THR B 201 -4.67 -12.60 3.06
C THR B 201 -4.30 -11.52 2.06
N HIS B 202 -5.27 -10.99 1.31
CA HIS B 202 -5.00 -9.98 0.29
C HIS B 202 -5.55 -8.60 0.66
N SER B 203 -5.84 -8.36 1.94
CA SER B 203 -6.30 -7.05 2.37
C SER B 203 -5.78 -6.61 3.72
N LEU B 204 -5.35 -7.52 4.59
CA LEU B 204 -4.75 -7.18 5.86
C LEU B 204 -3.36 -7.80 5.96
N ASN B 205 -2.48 -7.14 6.72
CA ASN B 205 -1.18 -7.71 7.02
C ASN B 205 -0.66 -7.09 8.31
N VAL B 206 0.26 -7.80 8.94
CA VAL B 206 0.94 -7.30 10.13
C VAL B 206 1.95 -6.24 9.71
N VAL B 207 2.03 -5.15 10.47
CA VAL B 207 3.02 -4.11 10.23
C VAL B 207 3.97 -3.92 11.41
N LYS B 208 3.71 -4.56 12.55
CA LYS B 208 4.53 -4.39 13.74
C LYS B 208 4.19 -5.45 14.78
N TYR B 209 5.21 -6.08 15.36
CA TYR B 209 5.05 -6.93 16.52
C TYR B 209 5.57 -6.21 17.75
N TYR B 210 4.91 -6.43 18.88
CA TYR B 210 5.29 -5.81 20.14
C TYR B 210 5.92 -6.83 21.08
N ASN B 211 6.83 -6.35 21.92
CA ASN B 211 7.53 -7.26 22.82
C ASN B 211 6.65 -7.71 23.98
N SER B 212 5.69 -6.87 24.38
CA SER B 212 4.82 -7.15 25.51
C SER B 212 3.57 -6.31 25.37
N PRO B 213 2.47 -6.68 26.04
CA PRO B 213 2.26 -7.84 26.90
C PRO B 213 2.03 -9.14 26.14
N ARG B 214 2.94 -10.10 26.31
CA ARG B 214 2.78 -11.40 25.69
C ARG B 214 1.54 -12.11 26.23
N GLN B 215 1.09 -13.12 25.48
CA GLN B 215 0.03 -14.00 25.93
C GLN B 215 0.53 -15.44 25.88
N TYR B 216 0.03 -16.26 26.80
CA TYR B 216 0.43 -17.65 26.90
C TYR B 216 -0.78 -18.51 27.23
N ASN B 217 -0.57 -19.82 27.17
CA ASN B 217 -1.41 -20.77 27.88
C ASN B 217 -0.50 -21.72 28.65
N PHE B 218 -1.03 -22.29 29.73
CA PHE B 218 -0.24 -23.08 30.66
C PHE B 218 -0.91 -24.42 30.91
N PHE B 219 -0.10 -25.39 31.32
CA PHE B 219 -0.60 -26.60 31.96
C PHE B 219 -0.82 -26.28 33.43
N LEU B 220 -2.08 -26.27 33.85
CA LEU B 220 -2.44 -25.93 35.23
C LEU B 220 -2.79 -27.20 35.99
N THR B 221 -2.07 -27.44 37.09
CA THR B 221 -2.30 -28.58 37.97
C THR B 221 -2.46 -28.07 39.39
N ARG B 222 -2.79 -28.97 40.31
CA ARG B 222 -2.75 -28.61 41.71
C ARG B 222 -1.33 -28.78 42.23
N LYS B 223 -0.90 -27.86 43.09
CA LYS B 223 0.46 -27.87 43.59
C LYS B 223 0.79 -29.15 44.35
N GLU B 224 -0.23 -29.90 44.76
CA GLU B 224 -0.01 -31.21 45.36
C GLU B 224 0.74 -32.14 44.41
N SER B 225 0.52 -32.01 43.10
CA SER B 225 1.04 -32.96 42.11
C SER B 225 2.51 -32.63 41.81
N VAL B 226 3.37 -32.98 42.78
CA VAL B 226 4.78 -32.62 42.66
C VAL B 226 5.44 -33.36 41.50
N ILE B 227 5.10 -34.64 41.33
CA ILE B 227 5.74 -35.43 40.27
C ILE B 227 5.13 -35.09 38.91
N LEU B 228 3.82 -34.84 38.87
CA LEU B 228 3.18 -34.45 37.62
C LEU B 228 3.71 -33.11 37.13
N ASN B 229 3.90 -32.16 38.05
CA ASN B 229 4.38 -30.83 37.66
C ASN B 229 5.79 -30.90 37.09
N GLU B 230 6.66 -31.73 37.68
CA GLU B 230 8.05 -31.81 37.22
C GLU B 230 8.14 -32.52 35.88
N VAL B 231 7.33 -33.56 35.67
CA VAL B 231 7.31 -34.23 34.38
C VAL B 231 6.71 -33.32 33.31
N LEU B 232 5.69 -32.54 33.67
CA LEU B 232 5.11 -31.58 32.73
C LEU B 232 6.11 -30.49 32.36
N ASN B 233 6.98 -30.11 33.29
CA ASN B 233 7.98 -29.09 32.99
C ASN B 233 9.14 -29.66 32.18
N ARG B 234 9.43 -30.96 32.35
CA ARG B 234 10.40 -31.61 31.46
C ARG B 234 9.95 -31.51 30.02
N PHE B 235 8.66 -31.78 29.77
CA PHE B 235 8.13 -31.74 28.41
C PHE B 235 8.16 -30.32 27.85
N VAL B 236 7.70 -29.35 28.63
CA VAL B 236 7.60 -27.98 28.13
C VAL B 236 8.99 -27.39 27.87
N ASP B 237 10.00 -27.81 28.63
CA ASP B 237 11.35 -27.31 28.41
C ASP B 237 11.96 -27.86 27.12
N ALA B 238 11.46 -28.98 26.61
CA ALA B 238 12.00 -29.59 25.40
C ALA B 238 11.43 -29.00 24.13
N LEU B 239 10.54 -28.00 24.23
CA LEU B 239 9.93 -27.39 23.05
C LEU B 239 10.83 -26.25 22.59
N THR B 240 11.83 -26.59 21.79
CA THR B 240 12.78 -25.60 21.27
C THR B 240 12.11 -24.74 20.21
N ASN B 241 12.84 -23.72 19.76
CA ASN B 241 12.38 -22.89 18.66
C ASN B 241 12.12 -23.74 17.42
N GLU B 242 12.98 -24.72 17.16
CA GLU B 242 12.82 -25.58 16.00
C GLU B 242 11.54 -26.40 16.08
N VAL B 243 11.19 -26.86 17.29
CA VAL B 243 9.98 -27.68 17.45
C VAL B 243 8.74 -26.80 17.35
N ARG B 244 8.73 -25.65 18.03
CA ARG B 244 7.56 -24.80 18.03
C ARG B 244 7.25 -24.24 16.65
N TYR B 245 8.30 -23.93 15.87
CA TYR B 245 8.09 -23.34 14.55
C TYR B 245 7.43 -24.33 13.60
N GLU B 246 7.79 -25.61 13.69
CA GLU B 246 7.20 -26.61 12.81
C GLU B 246 5.78 -26.98 13.23
N VAL B 247 5.48 -26.89 14.53
CA VAL B 247 4.11 -27.13 14.97
C VAL B 247 3.18 -26.03 14.48
N SER B 248 3.62 -24.77 14.63
CA SER B 248 2.82 -23.64 14.17
C SER B 248 2.76 -23.54 12.66
N GLN B 249 3.66 -24.25 11.95
CA GLN B 249 3.71 -24.17 10.49
C GLN B 249 2.38 -24.59 9.86
N ASN B 250 1.74 -25.62 10.42
CA ASN B 250 0.56 -26.20 9.80
C ASN B 250 -0.67 -25.28 9.90
N TRP B 251 -0.65 -24.30 10.79
CA TRP B 251 -1.81 -23.45 11.03
C TRP B 251 -1.54 -21.97 10.78
N LEU B 252 -0.31 -21.59 10.48
CA LEU B 252 0.02 -20.20 10.18
C LEU B 252 0.86 -20.16 8.92
N ASP B 253 0.35 -19.47 7.88
CA ASP B 253 1.11 -19.28 6.66
C ASP B 253 2.01 -18.06 6.71
N THR B 254 1.59 -17.02 7.43
CA THR B 254 2.39 -15.82 7.64
C THR B 254 2.36 -15.44 9.12
N GLY B 255 3.36 -14.67 9.53
CA GLY B 255 3.41 -14.21 10.91
C GLY B 255 3.67 -15.29 11.93
N ASN B 256 4.39 -16.34 11.55
CA ASN B 256 4.69 -17.45 12.46
C ASN B 256 5.93 -17.08 13.28
N LEU B 257 5.70 -16.60 14.50
CA LEU B 257 6.76 -16.13 15.38
C LEU B 257 7.28 -17.21 16.31
N ALA B 258 6.90 -18.47 16.10
CA ALA B 258 7.31 -19.54 17.00
C ALA B 258 8.82 -19.78 16.99
N PHE B 259 9.55 -19.21 16.04
CA PHE B 259 11.00 -19.37 16.00
C PHE B 259 11.71 -18.47 17.00
N LEU B 260 11.00 -17.57 17.68
CA LEU B 260 11.60 -16.74 18.73
C LEU B 260 10.84 -16.86 20.04
N ASN B 261 10.06 -17.92 20.23
CA ASN B 261 9.40 -18.14 21.50
C ASN B 261 10.41 -18.32 22.63
N LYS B 262 11.47 -19.04 22.36
CA LYS B 262 12.51 -19.33 23.33
C LYS B 262 13.73 -18.45 23.09
N PRO B 263 14.51 -18.16 24.14
CA PRO B 263 15.65 -17.25 23.96
C PRO B 263 16.74 -17.85 23.09
N LEU B 264 17.51 -16.97 22.47
CA LEU B 264 18.67 -17.39 21.72
C LEU B 264 19.79 -17.83 22.65
N GLU B 265 20.67 -18.69 22.15
CA GLU B 265 21.84 -19.10 22.90
C GLU B 265 22.83 -17.95 22.97
N LEU B 266 22.51 -16.92 23.76
CA LEU B 266 23.38 -15.77 23.94
C LEU B 266 24.29 -15.98 25.14
N THR B 267 25.50 -15.44 25.05
CA THR B 267 26.42 -15.50 26.18
C THR B 267 26.03 -14.47 27.23
N GLU B 268 26.60 -14.64 28.42
CA GLU B 268 26.36 -13.68 29.50
C GLU B 268 26.80 -12.28 29.10
N HIS B 269 27.99 -12.18 28.48
CA HIS B 269 28.49 -10.87 28.06
C HIS B 269 27.57 -10.23 27.03
N GLU B 270 27.09 -11.01 26.06
CA GLU B 270 26.21 -10.46 25.04
C GLU B 270 24.91 -9.95 25.65
N LYS B 271 24.31 -10.75 26.54
CA LYS B 271 23.06 -10.33 27.18
C LYS B 271 23.25 -9.06 28.00
N GLN B 272 24.41 -8.91 28.65
CA GLN B 272 24.68 -7.68 29.38
C GLN B 272 24.86 -6.51 28.43
N TRP B 273 25.49 -6.74 27.27
CA TRP B 273 25.65 -5.67 26.30
C TRP B 273 24.31 -5.17 25.79
N ILE B 274 23.38 -6.08 25.54
CA ILE B 274 22.03 -5.69 25.11
C ILE B 274 21.38 -4.79 26.15
N LYS B 275 21.40 -5.24 27.41
CA LYS B 275 20.70 -4.52 28.47
C LYS B 275 21.36 -3.19 28.82
N GLN B 276 22.63 -3.00 28.47
CA GLN B 276 23.37 -1.81 28.84
C GLN B 276 23.68 -0.91 27.65
N HIS B 277 23.07 -1.16 26.50
CA HIS B 277 23.17 -0.26 25.34
C HIS B 277 21.80 -0.14 24.69
N PRO B 278 20.86 0.51 25.35
CA PRO B 278 19.54 0.71 24.76
C PRO B 278 19.52 1.93 23.86
N ASN B 279 18.41 2.08 23.13
CA ASN B 279 18.20 3.23 22.25
C ASN B 279 19.28 3.31 21.17
N LEU B 280 19.58 2.16 20.55
CA LEU B 280 20.59 2.12 19.50
C LEU B 280 20.12 2.93 18.29
N LYS B 281 21.08 3.59 17.63
CA LYS B 281 20.78 4.52 16.55
C LYS B 281 20.93 3.84 15.20
N VAL B 282 19.94 4.05 14.33
CA VAL B 282 19.90 3.45 13.01
C VAL B 282 20.15 4.54 11.97
N LEU B 283 21.11 4.29 11.09
CA LEU B 283 21.39 5.24 10.02
C LEU B 283 20.30 5.19 8.95
N GLU B 284 19.94 6.35 8.41
CA GLU B 284 18.95 6.38 7.34
C GLU B 284 19.62 6.10 6.00
N ASN B 285 19.06 5.15 5.27
CA ASN B 285 19.52 4.82 3.94
C ASN B 285 18.78 5.66 2.89
N PRO B 286 19.33 5.77 1.68
CA PRO B 286 18.55 6.33 0.59
C PRO B 286 17.29 5.51 0.36
N TYR B 287 16.30 6.15 -0.28
CA TYR B 287 15.07 5.44 -0.64
C TYR B 287 15.43 4.21 -1.46
N SER B 288 15.22 3.02 -0.89
CA SER B 288 15.75 1.78 -1.44
C SER B 288 14.72 0.66 -1.27
N PRO B 289 13.58 0.77 -1.95
CA PRO B 289 12.53 -0.24 -1.80
C PRO B 289 12.89 -1.50 -2.59
N PRO B 290 12.46 -2.68 -2.12
CA PRO B 290 11.63 -2.89 -0.94
C PRO B 290 12.45 -3.11 0.33
N TYR B 291 13.76 -2.85 0.26
CA TYR B 291 14.62 -3.19 1.38
C TYR B 291 14.57 -2.16 2.50
N SER B 292 14.61 -0.87 2.16
CA SER B 292 14.58 0.16 3.19
C SER B 292 13.92 1.42 2.64
N MET B 293 13.13 2.07 3.49
CA MET B 293 12.46 3.34 3.22
C MET B 293 11.89 3.86 4.52
N THR B 294 11.81 5.18 4.63
CA THR B 294 11.40 5.84 5.87
C THR B 294 9.99 6.42 5.72
N ASP B 295 9.17 6.21 6.74
CA ASP B 295 7.79 6.70 6.72
C ASP B 295 7.75 8.15 7.20
N GLU B 296 6.54 8.68 7.40
CA GLU B 296 6.34 10.07 7.79
C GLU B 296 6.84 10.37 9.20
N ASN B 297 7.28 9.37 9.95
CA ASN B 297 7.86 9.57 11.27
C ASN B 297 9.38 9.54 11.27
N GLY B 298 10.00 9.26 10.12
CA GLY B 298 11.42 9.04 10.07
C GLY B 298 11.86 7.66 10.52
N SER B 299 10.92 6.74 10.74
CA SER B 299 11.26 5.40 11.16
C SER B 299 11.60 4.52 9.97
N VAL B 300 12.48 3.55 10.20
CA VAL B 300 12.91 2.64 9.13
C VAL B 300 11.81 1.62 8.88
N ARG B 301 11.38 1.54 7.62
CA ARG B 301 10.43 0.52 7.20
C ARG B 301 11.06 -0.37 6.15
N GLY B 302 10.26 -1.13 5.41
CA GLY B 302 10.77 -2.06 4.44
C GLY B 302 11.21 -3.37 5.08
N VAL B 303 11.78 -4.24 4.26
CA VAL B 303 12.20 -5.56 4.72
C VAL B 303 13.19 -5.43 5.86
N MET B 304 14.18 -4.56 5.70
CA MET B 304 15.17 -4.36 6.75
C MET B 304 14.53 -3.82 8.03
N GLY B 305 13.56 -2.93 7.88
CA GLY B 305 12.88 -2.39 9.06
C GLY B 305 12.11 -3.45 9.82
N ASP B 306 11.45 -4.35 9.10
CA ASP B 306 10.69 -5.42 9.76
C ASP B 306 11.63 -6.42 10.42
N ILE B 307 12.77 -6.69 9.80
CA ILE B 307 13.72 -7.64 10.37
C ILE B 307 14.33 -7.10 11.66
N LEU B 308 14.50 -5.78 11.75
CA LEU B 308 14.91 -5.17 13.01
C LEU B 308 13.85 -5.39 14.09
N ASN B 309 12.58 -5.21 13.73
CA ASN B 309 11.48 -5.46 14.67
C ASN B 309 11.52 -6.91 15.16
N ILE B 310 11.76 -7.85 14.26
CA ILE B 310 11.87 -9.26 14.66
C ILE B 310 13.10 -9.46 15.53
N ILE B 311 14.23 -8.84 15.16
CA ILE B 311 15.46 -9.00 15.95
C ILE B 311 15.25 -8.47 17.36
N THR B 312 14.45 -7.41 17.51
CA THR B 312 14.13 -6.90 18.85
C THR B 312 13.38 -7.94 19.66
N LEU B 313 12.42 -8.63 19.05
CA LEU B 313 11.67 -9.66 19.76
C LEU B 313 12.53 -10.88 20.07
N GLN B 314 13.56 -11.13 19.24
CA GLN B 314 14.43 -12.28 19.45
C GLN B 314 15.38 -12.06 20.62
N THR B 315 15.99 -10.88 20.70
CA THR B 315 17.17 -10.66 21.52
C THR B 315 16.98 -9.64 22.63
N GLY B 316 15.95 -8.80 22.56
CA GLY B 316 15.86 -7.67 23.45
C GLY B 316 16.62 -6.45 23.01
N LEU B 317 17.28 -6.50 21.84
CA LEU B 317 17.93 -5.32 21.29
C LEU B 317 16.91 -4.20 21.14
N ASN B 318 17.32 -2.98 21.49
CA ASN B 318 16.44 -1.83 21.54
C ASN B 318 16.98 -0.76 20.60
N PHE B 319 16.25 -0.52 19.50
CA PHE B 319 16.65 0.46 18.51
C PHE B 319 15.77 1.70 18.62
N SER B 320 16.37 2.86 18.37
CA SER B 320 15.61 4.11 18.43
C SER B 320 14.68 4.21 17.22
N PRO B 321 13.41 4.56 17.42
CA PRO B 321 12.49 4.65 16.27
C PRO B 321 12.74 5.86 15.38
N ILE B 322 13.60 6.79 15.79
CA ILE B 322 13.88 7.99 15.00
C ILE B 322 15.30 7.89 14.50
N THR B 323 15.44 7.82 13.17
CA THR B 323 16.69 7.47 12.52
C THR B 323 17.67 8.64 12.48
N VAL B 324 18.86 8.35 11.99
CA VAL B 324 19.91 9.36 11.81
C VAL B 324 20.60 9.12 10.48
N GLY B 338 27.87 8.64 15.13
CA GLY B 338 26.69 8.73 15.94
C GLY B 338 25.63 7.70 15.61
N TRP B 339 25.98 6.76 14.74
CA TRP B 339 25.09 5.68 14.36
C TRP B 339 25.67 4.34 14.83
N ASP B 340 24.79 3.37 15.03
CA ASP B 340 25.19 2.06 15.50
C ASP B 340 24.93 0.92 14.52
N ILE B 341 24.08 1.12 13.51
CA ILE B 341 23.76 0.05 12.59
C ILE B 341 23.26 0.66 11.28
N ILE B 342 23.67 0.05 10.17
CA ILE B 342 23.18 0.42 8.85
C ILE B 342 22.13 -0.62 8.44
N PRO B 343 20.86 -0.24 8.30
CA PRO B 343 19.81 -1.24 8.02
C PRO B 343 19.83 -1.72 6.59
N GLY B 344 20.61 -2.76 6.30
CA GLY B 344 20.75 -3.24 4.94
C GLY B 344 21.89 -2.55 4.23
N ALA B 345 22.82 -3.35 3.68
CA ALA B 345 23.99 -2.81 3.03
C ALA B 345 24.59 -3.89 2.14
N ILE B 346 25.03 -3.50 0.96
CA ILE B 346 25.71 -4.42 0.06
C ILE B 346 27.14 -4.61 0.54
N TYR B 347 27.54 -5.87 0.72
CA TYR B 347 28.90 -6.15 1.16
C TYR B 347 29.90 -5.69 0.11
N SER B 348 31.06 -5.24 0.58
CA SER B 348 32.19 -4.91 -0.29
C SER B 348 33.46 -5.02 0.53
N GLU B 349 34.49 -5.64 -0.06
CA GLU B 349 35.72 -5.88 0.66
C GLU B 349 36.46 -4.58 0.97
N ASP B 350 36.33 -3.57 0.11
CA ASP B 350 37.01 -2.30 0.37
C ASP B 350 36.25 -1.45 1.35
N ARG B 351 34.92 -1.57 1.41
CA ARG B 351 34.15 -0.90 2.45
C ARG B 351 34.40 -1.53 3.82
N GLU B 352 34.91 -2.75 3.87
CA GLU B 352 35.18 -3.41 5.15
C GLU B 352 36.25 -2.68 5.94
N ASN B 353 37.05 -1.83 5.29
CA ASN B 353 37.98 -0.98 6.04
C ASN B 353 37.25 0.05 6.90
N ASN B 354 36.00 0.36 6.57
CA ASN B 354 35.25 1.36 7.31
C ASN B 354 34.23 0.76 8.28
N VAL B 355 33.71 -0.43 8.01
CA VAL B 355 32.60 -0.99 8.77
C VAL B 355 32.82 -2.49 8.97
N LEU B 356 32.03 -3.06 9.85
CA LEU B 356 31.87 -4.51 9.98
C LEU B 356 30.56 -4.93 9.34
N PHE B 357 30.54 -6.13 8.78
CA PHE B 357 29.34 -6.69 8.17
C PHE B 357 28.89 -7.91 8.94
N ALA B 358 27.58 -8.03 9.13
CA ALA B 358 27.02 -9.31 9.53
C ALA B 358 27.05 -10.27 8.34
N GLU B 359 26.81 -11.55 8.61
CA GLU B 359 26.78 -12.52 7.55
C GLU B 359 25.58 -12.27 6.63
N ALA B 360 25.83 -12.37 5.33
CA ALA B 360 24.78 -12.08 4.35
C ALA B 360 23.62 -13.05 4.50
N PHE B 361 22.39 -12.52 4.41
CA PHE B 361 21.20 -13.34 4.46
C PHE B 361 20.30 -13.20 3.24
N ILE B 362 20.59 -12.24 2.35
CA ILE B 362 19.91 -12.12 1.07
C ILE B 362 20.96 -11.88 0.00
N THR B 363 20.88 -12.60 -1.11
CA THR B 363 21.67 -12.30 -2.30
C THR B 363 20.73 -11.94 -3.44
N THR B 364 21.17 -11.01 -4.28
CA THR B 364 20.36 -10.51 -5.36
C THR B 364 21.29 -10.06 -6.48
N PRO B 365 20.94 -10.29 -7.74
CA PRO B 365 21.81 -9.88 -8.84
C PRO B 365 21.57 -8.45 -9.28
N TYR B 366 22.53 -7.93 -10.04
CA TYR B 366 22.40 -6.63 -10.66
C TYR B 366 21.74 -6.77 -12.04
N VAL B 367 20.98 -5.75 -12.42
CA VAL B 367 20.24 -5.75 -13.68
C VAL B 367 20.36 -4.39 -14.34
N PHE B 368 20.19 -4.38 -15.66
CA PHE B 368 20.05 -3.17 -16.44
C PHE B 368 18.56 -2.85 -16.60
N VAL B 369 18.18 -1.62 -16.28
CA VAL B 369 16.81 -1.15 -16.50
C VAL B 369 16.77 -0.39 -17.83
N MET B 370 15.83 -0.75 -18.69
CA MET B 370 15.65 -0.09 -19.97
C MET B 370 14.16 0.05 -20.25
N GLN B 371 13.83 0.85 -21.25
CA GLN B 371 12.44 1.08 -21.62
C GLN B 371 11.87 -0.13 -22.35
N LYS B 372 10.58 -0.37 -22.13
CA LYS B 372 9.89 -1.50 -22.75
C LYS B 372 9.31 -1.04 -24.09
N ALA B 373 10.06 -1.29 -25.16
CA ALA B 373 9.68 -0.97 -26.52
C ALA B 373 9.46 -2.24 -27.33
N PRO B 374 8.82 -2.15 -28.50
CA PRO B 374 8.71 -3.35 -29.34
C PRO B 374 10.04 -3.85 -29.87
N ASP B 375 10.95 -2.94 -30.19
CA ASP B 375 12.25 -3.28 -30.73
C ASP B 375 13.32 -3.46 -29.66
N SER B 376 12.93 -3.57 -28.39
CA SER B 376 13.90 -3.72 -27.32
C SER B 376 14.67 -5.03 -27.45
N GLU B 377 15.98 -4.96 -27.28
CA GLU B 377 16.82 -6.15 -27.23
C GLU B 377 17.83 -6.00 -26.11
N GLN B 378 18.15 -7.11 -25.47
CA GLN B 378 18.71 -7.13 -24.12
C GLN B 378 20.23 -7.05 -24.08
N THR B 379 20.83 -6.09 -24.80
CA THR B 379 22.23 -5.76 -24.61
C THR B 379 22.41 -4.25 -24.73
N LEU B 380 23.52 -3.76 -24.19
CA LEU B 380 23.88 -2.36 -24.34
C LEU B 380 24.50 -2.13 -25.72
N LYS B 381 24.63 -0.87 -26.08
CA LYS B 381 25.32 -0.46 -27.30
C LYS B 381 26.21 0.73 -26.95
N LYS B 382 27.02 1.14 -27.91
CA LYS B 382 28.06 2.14 -27.64
C LYS B 382 27.59 3.54 -28.02
N GLY B 383 27.94 4.50 -27.18
CA GLY B 383 27.26 5.77 -27.15
C GLY B 383 26.14 5.85 -26.15
N MET B 384 25.74 4.72 -25.57
CA MET B 384 24.63 4.70 -24.63
C MET B 384 25.02 5.34 -23.30
N LYS B 385 24.09 6.07 -22.70
CA LYS B 385 24.26 6.67 -21.39
C LYS B 385 23.60 5.76 -20.37
N VAL B 386 24.41 5.13 -19.51
CA VAL B 386 23.92 4.20 -18.51
C VAL B 386 24.34 4.71 -17.14
N ALA B 387 23.37 4.87 -16.25
CA ALA B 387 23.63 5.37 -14.91
C ALA B 387 23.92 4.22 -13.95
N ILE B 388 24.78 4.50 -12.98
CA ILE B 388 25.07 3.56 -11.91
C ILE B 388 25.20 4.35 -10.61
N PRO B 389 24.63 3.85 -9.51
CA PRO B 389 24.82 4.54 -8.22
C PRO B 389 26.29 4.62 -7.84
N TYR B 390 26.68 5.76 -7.28
CA TYR B 390 28.08 5.98 -6.95
C TYR B 390 28.56 5.05 -5.85
N TYR B 391 27.68 4.64 -4.94
CA TYR B 391 28.07 3.74 -3.86
C TYR B 391 28.12 2.29 -4.29
N TYR B 392 27.66 1.96 -5.50
CA TYR B 392 27.96 0.65 -6.08
C TYR B 392 29.41 0.64 -6.52
N GLU B 393 30.14 -0.42 -6.16
CA GLU B 393 31.55 -0.55 -6.51
C GLU B 393 31.75 -1.34 -7.80
N LEU B 394 30.78 -1.28 -8.72
CA LEU B 394 30.88 -1.96 -10.01
C LEU B 394 31.42 -1.07 -11.12
N HIS B 395 31.60 0.23 -10.85
CA HIS B 395 32.08 1.14 -11.89
C HIS B 395 33.42 0.69 -12.44
N SER B 396 34.30 0.20 -11.57
CA SER B 396 35.58 -0.33 -12.01
C SER B 396 35.41 -1.38 -13.11
N GLN B 397 34.66 -2.44 -12.81
CA GLN B 397 34.56 -3.57 -13.73
C GLN B 397 33.70 -3.26 -14.94
N LEU B 398 32.62 -2.48 -14.74
CA LEU B 398 31.71 -2.19 -15.84
C LEU B 398 32.35 -1.33 -16.92
N LYS B 399 33.32 -0.48 -16.56
CA LYS B 399 34.01 0.28 -17.58
C LYS B 399 34.96 -0.59 -18.39
N GLU B 400 35.49 -1.66 -17.79
CA GLU B 400 36.39 -2.51 -18.57
C GLU B 400 35.59 -3.44 -19.49
N MET B 401 34.45 -3.94 -19.04
CA MET B 401 33.62 -4.78 -19.91
C MET B 401 32.96 -3.96 -21.00
N TYR B 402 32.47 -2.77 -20.66
CA TYR B 402 31.80 -1.89 -21.61
C TYR B 402 32.57 -0.56 -21.69
N PRO B 403 33.80 -0.57 -22.22
CA PRO B 403 34.55 0.69 -22.36
C PRO B 403 33.99 1.62 -23.42
N GLU B 404 33.13 1.10 -24.30
CA GLU B 404 32.51 1.88 -25.36
C GLU B 404 31.24 2.56 -24.90
N VAL B 405 30.94 2.49 -23.60
CA VAL B 405 29.72 3.03 -23.02
C VAL B 405 30.08 4.22 -22.13
N GLU B 406 29.20 5.22 -22.10
CA GLU B 406 29.34 6.34 -21.18
C GLU B 406 28.70 5.96 -19.85
N TRP B 407 29.52 5.79 -18.82
CA TRP B 407 29.05 5.39 -17.50
C TRP B 407 28.95 6.61 -16.60
N ILE B 408 27.76 6.87 -16.09
CA ILE B 408 27.46 8.04 -15.29
C ILE B 408 27.15 7.61 -13.86
N GLN B 409 27.93 8.10 -12.91
CA GLN B 409 27.60 7.93 -11.50
C GLN B 409 26.49 8.90 -11.12
N VAL B 410 25.57 8.44 -10.27
CA VAL B 410 24.44 9.24 -9.86
C VAL B 410 24.31 9.19 -8.35
N ASP B 411 23.79 10.28 -7.77
CA ASP B 411 23.58 10.33 -6.34
C ASP B 411 22.28 9.66 -5.93
N ASN B 412 21.27 9.70 -6.80
CA ASN B 412 19.92 9.24 -6.49
C ASN B 412 19.58 8.08 -7.42
N ALA B 413 19.61 6.86 -6.89
CA ALA B 413 19.31 5.69 -7.72
C ALA B 413 17.83 5.62 -8.07
N SER B 414 16.95 5.89 -7.11
CA SER B 414 15.52 5.76 -7.36
C SER B 414 15.02 6.78 -8.37
N ALA B 415 15.59 7.99 -8.38
CA ALA B 415 15.16 9.01 -9.33
C ALA B 415 15.69 8.74 -10.74
N ALA B 416 16.71 7.89 -10.88
CA ALA B 416 17.26 7.61 -12.20
C ALA B 416 16.28 6.79 -13.05
N PHE B 417 15.39 6.04 -12.40
CA PHE B 417 14.38 5.29 -13.15
C PHE B 417 13.55 6.21 -14.04
N HIS B 418 13.19 7.39 -13.53
CA HIS B 418 12.44 8.35 -14.32
C HIS B 418 13.24 8.82 -15.52
N LYS B 419 14.53 9.07 -15.33
CA LYS B 419 15.38 9.51 -16.43
C LYS B 419 15.40 8.47 -17.55
N VAL B 420 15.43 7.18 -17.19
CA VAL B 420 15.36 6.14 -18.20
C VAL B 420 13.99 6.16 -18.88
N LYS B 421 12.92 6.37 -18.11
CA LYS B 421 11.58 6.42 -18.69
C LYS B 421 11.46 7.54 -19.72
N GLU B 422 12.07 8.69 -19.43
CA GLU B 422 11.97 9.84 -20.32
C GLU B 422 12.88 9.75 -21.53
N GLY B 423 13.74 8.73 -21.61
CA GLY B 423 14.67 8.60 -22.71
C GLY B 423 15.94 9.39 -22.57
N GLU B 424 16.15 10.10 -21.46
CA GLU B 424 17.38 10.84 -21.27
C GLU B 424 18.54 9.91 -20.93
N LEU B 425 18.28 8.79 -20.27
CA LEU B 425 19.25 7.74 -20.07
C LEU B 425 18.85 6.51 -20.88
N ASP B 426 19.85 5.78 -21.35
CA ASP B 426 19.57 4.55 -22.08
C ASP B 426 19.35 3.37 -21.15
N ALA B 427 20.06 3.32 -20.03
CA ALA B 427 19.92 2.22 -19.08
C ALA B 427 20.31 2.68 -17.68
N LEU B 428 20.05 1.80 -16.71
CA LEU B 428 20.32 2.07 -15.31
C LEU B 428 20.74 0.78 -14.64
N VAL B 429 21.75 0.85 -13.77
CA VAL B 429 22.23 -0.30 -13.01
C VAL B 429 21.50 -0.33 -11.68
N ALA B 430 20.87 -1.47 -11.37
CA ALA B 430 20.07 -1.57 -10.15
C ALA B 430 20.04 -3.01 -9.67
N THR B 431 19.48 -3.19 -8.47
CA THR B 431 19.22 -4.50 -7.91
C THR B 431 17.91 -5.04 -8.47
N GLN B 432 17.83 -6.36 -8.61
CA GLN B 432 16.66 -7.01 -9.21
C GLN B 432 15.36 -6.54 -8.56
N LEU B 433 15.25 -6.70 -7.24
CA LEU B 433 14.01 -6.36 -6.56
C LEU B 433 13.83 -4.86 -6.42
N ASN B 434 14.92 -4.09 -6.36
CA ASN B 434 14.81 -2.64 -6.41
C ASN B 434 14.17 -2.19 -7.72
N SER B 435 14.64 -2.75 -8.84
CA SER B 435 14.04 -2.45 -10.13
C SER B 435 12.61 -2.95 -10.21
N ARG B 436 12.34 -4.13 -9.66
CA ARG B 436 10.99 -4.70 -9.70
C ARG B 436 9.99 -3.78 -9.01
N TYR B 437 10.35 -3.23 -7.86
CA TYR B 437 9.44 -2.35 -7.13
C TYR B 437 9.15 -1.09 -7.93
N MET B 438 10.18 -0.40 -8.38
CA MET B 438 9.99 0.86 -9.11
C MET B 438 9.14 0.66 -10.35
N ILE B 439 9.38 -0.43 -11.08
CA ILE B 439 8.59 -0.71 -12.29
C ILE B 439 7.15 -1.03 -11.93
N ASP B 440 6.95 -1.92 -10.94
CA ASP B 440 5.60 -2.38 -10.61
C ASP B 440 4.72 -1.23 -10.15
N HIS B 441 5.29 -0.30 -9.38
CA HIS B 441 4.48 0.72 -8.71
C HIS B 441 4.43 2.05 -9.45
N TYR B 442 5.46 2.40 -10.21
CA TYR B 442 5.52 3.72 -10.81
C TYR B 442 5.66 3.73 -12.33
N TYR B 443 6.26 2.70 -12.94
CA TYR B 443 6.45 2.65 -14.39
C TYR B 443 6.12 1.26 -14.96
N PRO B 444 4.91 0.75 -14.72
CA PRO B 444 4.55 -0.54 -15.28
C PRO B 444 4.33 -0.44 -16.78
N ASN B 445 4.87 -1.41 -17.52
CA ASN B 445 4.82 -1.53 -18.97
C ASN B 445 5.64 -0.47 -19.69
N GLU B 446 6.30 0.44 -18.98
CA GLU B 446 7.19 1.41 -19.59
C GLU B 446 8.66 1.06 -19.39
N LEU B 447 8.98 0.13 -18.50
CA LEU B 447 10.34 -0.28 -18.25
C LEU B 447 10.41 -1.78 -18.04
N TYR B 448 11.59 -2.35 -18.26
CA TYR B 448 11.87 -3.74 -17.98
C TYR B 448 13.34 -3.86 -17.59
N HIS B 449 13.76 -5.06 -17.22
CA HIS B 449 15.17 -5.25 -16.89
C HIS B 449 15.64 -6.63 -17.32
N PHE B 450 16.96 -6.77 -17.40
CA PHE B 450 17.60 -8.05 -17.69
C PHE B 450 18.94 -8.10 -16.97
N LEU B 451 19.43 -9.32 -16.78
CA LEU B 451 20.62 -9.54 -15.96
C LEU B 451 21.86 -8.93 -16.61
N ILE B 452 22.73 -8.37 -15.77
CA ILE B 452 24.06 -7.95 -16.20
C ILE B 452 24.95 -9.19 -16.27
N PRO B 453 25.49 -9.54 -17.43
CA PRO B 453 26.34 -10.73 -17.51
C PRO B 453 27.72 -10.48 -16.92
N GLY B 454 28.29 -11.54 -16.33
CA GLY B 454 29.66 -11.50 -15.88
C GLY B 454 29.93 -10.65 -14.66
N VAL B 455 28.92 -10.40 -13.84
CA VAL B 455 29.12 -9.69 -12.57
C VAL B 455 28.67 -10.60 -11.43
N PRO B 456 29.25 -10.49 -10.24
CA PRO B 456 28.78 -11.27 -9.11
C PRO B 456 27.50 -10.67 -8.53
N ASN B 457 26.85 -11.45 -7.67
CA ASN B 457 25.64 -10.99 -7.02
C ASN B 457 25.98 -10.13 -5.81
N ALA B 458 25.10 -9.17 -5.54
CA ALA B 458 25.20 -8.37 -4.33
C ALA B 458 24.66 -9.15 -3.14
N SER B 459 25.37 -9.05 -2.02
CA SER B 459 25.02 -9.75 -0.79
C SER B 459 24.63 -8.73 0.28
N LEU B 460 23.41 -8.86 0.80
CA LEU B 460 22.82 -7.87 1.70
C LEU B 460 22.93 -8.35 3.15
N SER B 461 23.18 -7.41 4.04
CA SER B 461 23.19 -7.67 5.48
C SER B 461 23.27 -6.33 6.20
N PHE B 462 23.29 -6.39 7.53
CA PHE B 462 23.45 -5.20 8.33
C PHE B 462 24.93 -4.87 8.48
N ALA B 463 25.22 -3.58 8.67
CA ALA B 463 26.58 -3.11 8.86
C ALA B 463 26.67 -2.31 10.15
N PHE B 464 27.88 -2.22 10.68
CA PHE B 464 28.12 -1.65 11.99
C PHE B 464 29.42 -0.88 12.00
N PRO B 465 29.61 0.04 12.95
CA PRO B 465 30.91 0.69 13.09
C PRO B 465 31.99 -0.31 13.48
N ARG B 466 33.23 0.05 13.15
CA ARG B 466 34.37 -0.82 13.41
C ARG B 466 34.42 -1.33 14.85
N GLY B 467 34.10 -0.50 15.85
CA GLY B 467 34.34 -0.92 17.22
C GLY B 467 33.21 -1.64 17.93
N GLU B 468 32.25 -2.21 17.21
CA GLU B 468 31.07 -2.82 17.79
C GLU B 468 31.00 -4.30 17.42
N PRO B 469 31.89 -5.13 17.99
CA PRO B 469 31.83 -6.56 17.67
C PRO B 469 30.68 -7.27 18.36
N GLU B 470 30.30 -6.87 19.58
CA GLU B 470 29.22 -7.54 20.28
C GLU B 470 27.90 -7.41 19.53
N LEU B 471 27.60 -6.21 19.04
CA LEU B 471 26.38 -6.02 18.27
C LEU B 471 26.40 -6.87 17.00
N LYS B 472 27.55 -6.95 16.34
CA LYS B 472 27.65 -7.76 15.13
C LYS B 472 27.49 -9.24 15.42
N ASP B 473 28.03 -9.70 16.56
CA ASP B 473 27.87 -11.11 16.92
C ASP B 473 26.43 -11.44 17.29
N ILE B 474 25.71 -10.49 17.88
CA ILE B 474 24.32 -10.74 18.24
C ILE B 474 23.45 -10.81 16.99
N ILE B 475 23.63 -9.86 16.07
CA ILE B 475 22.84 -9.86 14.83
C ILE B 475 23.10 -11.14 14.04
N ASN B 476 24.34 -11.63 14.07
CA ASN B 476 24.65 -12.88 13.38
C ASN B 476 23.86 -14.05 13.96
N LYS B 477 23.82 -14.15 15.29
CA LYS B 477 23.06 -15.22 15.93
C LYS B 477 21.57 -15.07 15.65
N ALA B 478 21.07 -13.84 15.63
CA ALA B 478 19.64 -13.61 15.40
C ALA B 478 19.26 -13.94 13.97
N LEU B 479 20.02 -13.42 13.01
CA LEU B 479 19.74 -13.71 11.59
C LEU B 479 19.76 -15.21 11.33
N ASN B 480 20.71 -15.92 11.94
CA ASN B 480 20.79 -17.37 11.76
C ASN B 480 19.54 -18.07 12.28
N ALA B 481 18.85 -17.48 13.25
CA ALA B 481 17.67 -18.08 13.83
C ALA B 481 16.39 -17.72 13.08
N ILE B 482 16.40 -16.69 12.25
CA ILE B 482 15.24 -16.34 11.43
C ILE B 482 15.16 -17.33 10.27
N PRO B 483 14.09 -18.10 10.15
CA PRO B 483 13.96 -19.02 9.02
C PRO B 483 13.91 -18.26 7.71
N PRO B 484 14.57 -18.76 6.67
CA PRO B 484 14.54 -18.07 5.37
C PRO B 484 13.14 -17.89 4.80
N SER B 485 12.20 -18.77 5.15
CA SER B 485 10.84 -18.63 4.65
C SER B 485 10.17 -17.37 5.21
N GLU B 486 10.57 -16.94 6.40
CA GLU B 486 10.03 -15.69 6.94
C GLU B 486 10.63 -14.48 6.23
N VAL B 487 11.91 -14.57 5.84
CA VAL B 487 12.50 -13.50 5.02
C VAL B 487 11.81 -13.45 3.66
N LEU B 488 11.62 -14.63 3.04
CA LEU B 488 10.83 -14.72 1.80
C LEU B 488 9.44 -14.15 2.02
N ARG B 489 8.83 -14.43 3.17
CA ARG B 489 7.51 -13.90 3.48
C ARG B 489 7.54 -12.38 3.57
N LEU B 490 8.62 -11.81 4.11
CA LEU B 490 8.68 -10.37 4.29
C LEU B 490 8.90 -9.65 2.97
N THR B 491 9.72 -10.22 2.09
CA THR B 491 10.00 -9.56 0.81
C THR B 491 8.78 -9.62 -0.11
N GLU B 492 8.01 -10.72 -0.06
CA GLU B 492 6.74 -10.79 -0.77
C GLU B 492 5.83 -9.64 -0.37
N LYS B 493 5.71 -9.40 0.94
CA LYS B 493 4.84 -8.35 1.44
C LYS B 493 5.27 -6.98 0.92
N TRP B 494 6.56 -6.69 0.98
CA TRP B 494 7.04 -5.35 0.67
C TRP B 494 7.20 -5.10 -0.82
N ILE B 495 7.34 -6.15 -1.63
CA ILE B 495 7.31 -5.96 -3.08
C ILE B 495 5.93 -5.51 -3.52
N LYS B 496 4.88 -6.09 -2.93
CA LYS B 496 3.49 -5.78 -3.28
C LYS B 496 2.97 -4.50 -2.63
N MET B 497 3.76 -3.85 -1.77
CA MET B 497 3.18 -2.79 -0.95
C MET B 497 3.53 -1.42 -1.50
N PRO B 498 2.55 -0.56 -1.75
CA PRO B 498 2.83 0.79 -2.24
C PRO B 498 3.11 1.75 -1.09
N ASN B 499 3.60 2.94 -1.47
CA ASN B 499 3.76 4.00 -0.50
C ASN B 499 2.40 4.64 -0.20
N VAL B 500 2.40 5.55 0.77
CA VAL B 500 1.22 6.35 1.06
C VAL B 500 1.39 7.80 0.62
N THR B 501 2.61 8.25 0.37
CA THR B 501 2.89 9.57 -0.17
C THR B 501 3.98 9.40 -1.23
N ILE B 502 4.18 10.44 -2.03
CA ILE B 502 5.31 10.51 -2.95
C ILE B 502 6.24 11.63 -2.50
N ASP B 503 7.53 11.39 -2.65
CA ASP B 503 8.56 12.40 -2.41
C ASP B 503 9.19 12.74 -3.74
N THR B 504 9.12 14.02 -4.13
CA THR B 504 9.60 14.41 -5.46
C THR B 504 11.08 14.11 -5.63
N TRP B 505 11.86 14.15 -4.54
CA TRP B 505 13.28 13.82 -4.65
C TRP B 505 13.48 12.33 -4.89
N ASP B 506 12.60 11.49 -4.35
CA ASP B 506 12.73 10.05 -4.56
C ASP B 506 12.45 9.64 -6.00
N LEU B 507 11.59 10.39 -6.70
CA LEU B 507 11.01 9.92 -7.95
C LEU B 507 11.22 10.83 -9.15
N TYR B 508 11.62 12.08 -8.96
CA TYR B 508 11.81 13.01 -10.08
C TYR B 508 13.29 13.31 -10.23
N SER B 509 13.77 13.28 -11.48
CA SER B 509 15.20 13.29 -11.77
C SER B 509 15.78 14.69 -11.73
N GLU B 510 16.98 14.80 -11.17
CA GLU B 510 17.74 16.05 -11.01
C GLU B 510 16.86 17.27 -10.75
#